data_6DPS
#
_entry.id   6DPS
#
_cell.length_a   147.643
_cell.length_b   147.643
_cell.length_c   147.643
_cell.angle_alpha   90.000
_cell.angle_beta   90.000
_cell.angle_gamma   90.000
#
_symmetry.space_group_name_H-M   'P 21 3'
#
loop_
_entity.id
_entity.type
_entity.pdbx_description
1 polymer 'Thiol:disulfide interchange protein DsbD'
2 non-polymer 'ZINC ION'
3 water water
#
_entity_poly.entity_id   1
_entity_poly.type   'polypeptide(L)'
_entity_poly.pdbx_seq_one_letter_code
;SNANDLLPPEKAFVPELAVADDGVNVRFRIADGYYMYQAKIVGKTDPADLLGQPSFSKGEEKEDEFFGRQTVYHHEAQVA
FPYAKAVGEPYKLVLTYQGCAEVGVCYPPVDTEFDISGNGTYHPQT
;
_entity_poly.pdbx_strand_id   A,B,C,D,E,F
#
loop_
_chem_comp.id
_chem_comp.type
_chem_comp.name
_chem_comp.formula
ZN non-polymer 'ZINC ION' 'Zn 2'
#
# COMPACT_ATOMS: atom_id res chain seq x y z
N ASP A 5 8.30 8.76 -1.81
CA ASP A 5 7.31 8.63 -2.85
C ASP A 5 6.21 7.67 -2.44
N LEU A 6 5.46 8.05 -1.41
CA LEU A 6 4.15 7.46 -1.12
C LEU A 6 3.38 8.39 -0.18
N LEU A 7 2.30 8.98 -0.66
CA LEU A 7 1.64 10.02 0.10
C LEU A 7 0.89 9.45 1.31
N PRO A 8 0.84 10.21 2.41
CA PRO A 8 -0.14 9.90 3.43
C PRO A 8 -1.54 10.05 2.84
N PRO A 9 -2.49 9.24 3.30
CA PRO A 9 -3.82 9.28 2.67
C PRO A 9 -4.44 10.66 2.75
N GLU A 10 -4.04 11.42 3.75
CA GLU A 10 -4.55 12.77 3.95
C GLU A 10 -4.25 13.66 2.76
N LYS A 11 -3.21 13.31 1.98
CA LYS A 11 -2.78 14.07 0.83
C LYS A 11 -3.10 13.39 -0.50
N ALA A 12 -3.28 12.08 -0.51
CA ALA A 12 -3.67 11.40 -1.75
C ALA A 12 -5.12 11.70 -2.10
N PHE A 13 -5.99 11.83 -1.09
CA PHE A 13 -7.43 11.93 -1.31
C PHE A 13 -7.94 13.05 -0.44
N VAL A 14 -8.25 14.19 -1.07
CA VAL A 14 -8.65 15.40 -0.38
C VAL A 14 -10.08 15.78 -0.72
N PRO A 15 -11.03 15.60 0.20
CA PRO A 15 -12.41 15.99 -0.07
C PRO A 15 -12.72 17.43 0.32
N GLU A 16 -13.50 18.09 -0.53
CA GLU A 16 -14.07 19.40 -0.21
C GLU A 16 -15.58 19.32 -0.28
N LEU A 17 -16.24 19.78 0.76
CA LEU A 17 -17.70 19.80 0.86
C LEU A 17 -18.25 21.15 0.44
N ALA A 18 -19.23 21.13 -0.48
CA ALA A 18 -20.05 22.30 -0.81
C ALA A 18 -21.47 22.04 -0.32
N VAL A 19 -21.85 22.68 0.78
CA VAL A 19 -23.20 22.59 1.32
C VAL A 19 -24.07 23.70 0.73
N ALA A 20 -25.13 23.32 0.03
CA ALA A 20 -26.10 24.24 -0.57
C ALA A 20 -27.50 23.86 -0.10
N ASP A 21 -28.51 24.54 -0.65
CA ASP A 21 -29.89 24.26 -0.25
C ASP A 21 -30.38 22.92 -0.77
N ASP A 22 -29.89 22.48 -1.93
CA ASP A 22 -30.36 21.23 -2.51
C ASP A 22 -29.65 20.01 -1.93
N GLY A 23 -28.45 20.18 -1.39
CA GLY A 23 -27.76 19.09 -0.77
C GLY A 23 -26.27 19.36 -0.63
N VAL A 24 -25.53 18.29 -0.37
CA VAL A 24 -24.10 18.35 -0.17
C VAL A 24 -23.40 17.78 -1.40
N ASN A 25 -22.53 18.59 -2.01
CA ASN A 25 -21.65 18.14 -3.07
C ASN A 25 -20.22 17.95 -2.55
N VAL A 26 -19.68 16.75 -2.75
CA VAL A 26 -18.31 16.40 -2.37
C VAL A 26 -17.45 16.34 -3.62
N ARG A 27 -16.31 17.04 -3.59
CA ARG A 27 -15.28 16.89 -4.60
C ARG A 27 -14.02 16.37 -3.95
N PHE A 28 -13.57 15.21 -4.42
CA PHE A 28 -12.28 14.66 -4.08
C PHE A 28 -11.23 15.13 -5.07
N ARG A 29 -10.17 15.73 -4.56
CA ARG A 29 -8.97 15.90 -5.37
C ARG A 29 -8.13 14.64 -5.16
N ILE A 30 -7.66 14.03 -6.25
CA ILE A 30 -6.91 12.77 -6.21
C ILE A 30 -5.53 12.97 -6.81
N ALA A 31 -4.48 12.68 -6.04
CA ALA A 31 -3.12 12.94 -6.50
C ALA A 31 -2.73 12.01 -7.63
N ASP A 32 -1.91 12.52 -8.55
CA ASP A 32 -1.36 11.70 -9.63
C ASP A 32 -0.72 10.43 -9.05
N GLY A 33 -1.02 9.30 -9.69
CA GLY A 33 -0.56 7.99 -9.25
C GLY A 33 -1.46 7.30 -8.25
N TYR A 34 -2.65 7.85 -7.97
CA TYR A 34 -3.61 7.25 -7.04
C TYR A 34 -4.96 7.18 -7.73
N TYR A 35 -5.88 6.39 -7.15
CA TYR A 35 -7.24 6.30 -7.68
C TYR A 35 -8.18 5.88 -6.58
N MET A 36 -9.49 5.99 -6.84
CA MET A 36 -10.51 5.79 -5.81
C MET A 36 -11.61 4.85 -6.30
N TYR A 37 -12.12 4.04 -5.39
CA TYR A 37 -13.24 3.16 -5.71
C TYR A 37 -14.57 3.91 -5.61
N GLN A 38 -15.27 4.02 -6.73
CA GLN A 38 -16.61 4.59 -6.69
C GLN A 38 -17.51 3.86 -5.69
N ALA A 39 -17.44 2.53 -5.67
CA ALA A 39 -18.33 1.75 -4.82
C ALA A 39 -18.05 1.86 -3.32
N LYS A 40 -16.92 2.45 -2.91
CA LYS A 40 -16.61 2.56 -1.48
C LYS A 40 -16.91 3.94 -0.91
N ILE A 41 -17.42 4.86 -1.73
CA ILE A 41 -17.77 6.22 -1.30
C ILE A 41 -19.19 6.21 -0.74
N VAL A 42 -19.31 6.46 0.56
CA VAL A 42 -20.58 6.40 1.28
C VAL A 42 -20.72 7.61 2.20
N GLY A 43 -21.95 8.09 2.35
CA GLY A 43 -22.27 9.18 3.26
C GLY A 43 -23.31 8.78 4.29
N LYS A 44 -23.03 9.10 5.55
CA LYS A 44 -23.98 8.92 6.65
C LYS A 44 -24.11 10.24 7.41
N THR A 45 -25.28 10.45 8.07
CA THR A 45 -25.47 11.67 8.85
C THR A 45 -25.93 11.35 10.26
N ASP A 46 -25.64 12.29 11.16
CA ASP A 46 -26.17 12.30 12.52
C ASP A 46 -26.76 13.69 12.75
N PRO A 47 -28.09 13.84 12.83
CA PRO A 47 -29.15 12.83 12.81
C PRO A 47 -29.17 12.04 11.51
N ALA A 48 -29.66 10.80 11.55
CA ALA A 48 -29.56 9.91 10.42
C ALA A 48 -30.53 10.30 9.31
N ASP A 49 -30.15 9.94 8.09
CA ASP A 49 -31.05 9.89 6.94
C ASP A 49 -31.49 11.27 6.47
N LEU A 50 -30.69 12.30 6.75
CA LEU A 50 -30.99 13.60 6.14
C LEU A 50 -30.72 13.58 4.66
N LEU A 51 -29.87 12.66 4.19
CA LEU A 51 -29.39 12.63 2.81
C LEU A 51 -29.94 11.42 2.08
N GLY A 52 -30.25 11.62 0.81
CA GLY A 52 -30.63 10.54 -0.07
C GLY A 52 -29.39 9.89 -0.69
N GLN A 53 -29.65 8.99 -1.63
CA GLN A 53 -28.59 8.24 -2.29
C GLN A 53 -27.75 9.17 -3.17
N PRO A 54 -26.44 8.98 -3.19
CA PRO A 54 -25.55 9.91 -3.90
C PRO A 54 -25.62 9.75 -5.41
N SER A 55 -25.48 10.87 -6.12
CA SER A 55 -25.23 10.87 -7.56
C SER A 55 -23.73 10.97 -7.82
N PHE A 56 -23.23 10.18 -8.74
CA PHE A 56 -21.79 10.05 -8.98
C PHE A 56 -21.41 10.64 -10.32
N SER A 57 -20.31 11.38 -10.36
CA SER A 57 -19.76 11.80 -11.64
C SER A 57 -19.22 10.59 -12.39
N LYS A 58 -18.96 10.79 -13.68
CA LYS A 58 -18.50 9.72 -14.56
C LYS A 58 -17.09 9.27 -14.20
N GLY A 59 -16.90 7.96 -13.99
CA GLY A 59 -15.58 7.41 -13.77
C GLY A 59 -15.12 6.44 -14.85
N GLU A 60 -14.06 5.68 -14.57
CA GLU A 60 -13.58 4.65 -15.50
C GLU A 60 -13.64 3.27 -14.89
N GLU A 61 -13.56 2.29 -15.78
CA GLU A 61 -13.64 0.89 -15.42
C GLU A 61 -12.22 0.35 -15.36
N LYS A 62 -11.97 -0.48 -14.36
CA LYS A 62 -10.62 -0.99 -14.18
C LYS A 62 -10.70 -2.41 -13.67
N GLU A 63 -9.85 -3.25 -14.21
CA GLU A 63 -9.61 -4.57 -13.65
C GLU A 63 -8.57 -4.42 -12.54
N ASP A 64 -8.98 -4.64 -11.33
CA ASP A 64 -8.23 -4.33 -10.13
C ASP A 64 -7.81 -5.63 -9.45
N GLU A 65 -6.58 -5.62 -8.90
CA GLU A 65 -6.03 -6.78 -8.22
C GLU A 65 -6.64 -7.01 -6.84
N PHE A 66 -7.38 -6.06 -6.28
CA PHE A 66 -7.98 -6.23 -4.96
C PHE A 66 -9.45 -6.60 -5.03
N PHE A 67 -10.24 -5.84 -5.79
CA PHE A 67 -11.69 -5.99 -5.81
C PHE A 67 -12.20 -6.33 -7.21
N GLY A 68 -11.33 -6.82 -8.09
CA GLY A 68 -11.78 -7.17 -9.43
C GLY A 68 -12.20 -5.96 -10.25
N ARG A 69 -13.22 -6.17 -11.10
CA ARG A 69 -13.67 -5.11 -11.99
C ARG A 69 -14.46 -4.06 -11.21
N GLN A 70 -14.16 -2.79 -11.49
CA GLN A 70 -14.60 -1.68 -10.64
C GLN A 70 -14.62 -0.40 -11.45
N THR A 71 -15.62 0.41 -11.18
CA THR A 71 -15.56 1.82 -11.55
C THR A 71 -14.66 2.58 -10.58
N VAL A 72 -13.64 3.28 -11.10
CA VAL A 72 -12.67 3.99 -10.29
C VAL A 72 -12.57 5.44 -10.74
N TYR A 73 -11.79 6.20 -10.00
CA TYR A 73 -11.61 7.63 -10.26
C TYR A 73 -10.13 7.99 -10.25
N HIS A 74 -9.64 8.50 -11.36
CA HIS A 74 -8.38 9.22 -11.42
C HIS A 74 -8.65 10.74 -11.42
N HIS A 75 -7.72 11.49 -10.81
CA HIS A 75 -7.73 12.96 -10.78
C HIS A 75 -8.79 13.58 -9.88
N GLU A 76 -10.03 13.12 -9.94
CA GLU A 76 -11.07 13.79 -9.18
C GLU A 76 -12.26 12.86 -9.07
N ALA A 77 -13.02 12.99 -7.99
CA ALA A 77 -14.29 12.30 -7.86
C ALA A 77 -15.33 13.30 -7.37
N GLN A 78 -16.50 13.32 -8.01
CA GLN A 78 -17.57 14.24 -7.64
C GLN A 78 -18.81 13.45 -7.28
N VAL A 79 -19.39 13.79 -6.12
CA VAL A 79 -20.51 13.09 -5.53
C VAL A 79 -21.47 14.11 -4.93
N ALA A 80 -22.73 14.07 -5.36
CA ALA A 80 -23.76 14.99 -4.90
C ALA A 80 -24.78 14.24 -4.06
N PHE A 81 -24.93 14.61 -2.79
CA PHE A 81 -25.97 13.99 -1.98
C PHE A 81 -27.20 14.89 -1.96
N PRO A 82 -28.37 14.44 -2.38
CA PRO A 82 -29.55 15.29 -2.26
C PRO A 82 -30.09 15.24 -0.85
N TYR A 83 -30.73 16.34 -0.45
CA TYR A 83 -31.47 16.36 0.79
C TYR A 83 -32.72 15.51 0.68
N ALA A 84 -32.87 14.58 1.62
CA ALA A 84 -34.15 13.91 1.84
C ALA A 84 -35.01 14.56 2.94
N LYS A 85 -34.44 15.31 3.86
CA LYS A 85 -35.22 15.98 4.88
C LYS A 85 -35.02 17.48 4.74
N ALA A 86 -35.99 18.22 5.24
CA ALA A 86 -35.79 19.64 5.51
C ALA A 86 -34.81 19.77 6.65
N VAL A 87 -33.75 20.55 6.44
CA VAL A 87 -32.66 20.64 7.40
C VAL A 87 -32.48 22.10 7.76
N GLY A 88 -32.76 22.42 9.01
CA GLY A 88 -32.56 23.77 9.49
C GLY A 88 -31.62 23.80 10.67
N GLU A 89 -31.23 22.63 11.13
CA GLU A 89 -30.35 22.50 12.29
C GLU A 89 -28.99 21.96 11.89
N PRO A 90 -27.97 22.27 12.68
CA PRO A 90 -26.65 21.67 12.44
C PRO A 90 -26.70 20.17 12.54
N TYR A 91 -25.81 19.51 11.81
CA TYR A 91 -25.72 18.06 11.85
C TYR A 91 -24.32 17.65 11.46
N LYS A 92 -24.00 16.38 11.69
CA LYS A 92 -22.70 15.80 11.35
C LYS A 92 -22.80 14.90 10.13
N LEU A 93 -21.87 15.06 9.20
CA LEU A 93 -21.74 14.20 8.03
C LEU A 93 -20.47 13.36 8.15
N VAL A 94 -20.64 12.04 8.09
CA VAL A 94 -19.52 11.09 8.08
C VAL A 94 -19.38 10.55 6.65
N LEU A 95 -18.27 10.87 6.02
CA LEU A 95 -17.93 10.44 4.68
C LEU A 95 -16.96 9.26 4.76
N THR A 96 -17.27 8.18 4.06
CA THR A 96 -16.38 7.03 3.97
C THR A 96 -15.91 6.89 2.53
N TYR A 97 -14.63 6.59 2.35
CA TYR A 97 -14.06 6.39 1.02
C TYR A 97 -12.82 5.51 1.14
N GLN A 98 -12.36 5.01 0.00
CA GLN A 98 -11.16 4.20 -0.06
C GLN A 98 -10.44 4.38 -1.39
N GLY A 99 -9.14 4.70 -1.35
CA GLY A 99 -8.35 4.80 -2.55
C GLY A 99 -7.11 3.92 -2.52
N CYS A 100 -6.38 3.92 -3.64
CA CYS A 100 -5.20 3.08 -3.79
C CYS A 100 -4.12 3.84 -4.54
N ALA A 101 -2.92 3.26 -4.54
CA ALA A 101 -1.82 3.75 -5.36
C ALA A 101 -1.66 2.85 -6.57
N GLU A 102 -1.40 3.47 -7.73
CA GLU A 102 -1.15 2.72 -8.97
C GLU A 102 0.02 1.76 -8.87
N VAL A 103 0.98 2.03 -7.97
CA VAL A 103 2.10 1.11 -7.81
C VAL A 103 1.64 -0.27 -7.37
N GLY A 104 0.45 -0.37 -6.79
CA GLY A 104 -0.09 -1.68 -6.49
C GLY A 104 -0.32 -1.96 -5.01
N VAL A 105 -0.68 -0.94 -4.25
CA VAL A 105 -1.06 -1.09 -2.85
C VAL A 105 -2.26 -0.20 -2.61
N CYS A 106 -3.05 -0.55 -1.59
CA CYS A 106 -4.25 0.17 -1.22
C CYS A 106 -4.18 0.60 0.23
N TYR A 107 -4.75 1.78 0.47
CA TYR A 107 -5.05 2.34 1.77
C TYR A 107 -6.30 1.69 2.36
N PRO A 108 -6.43 1.68 3.68
CA PRO A 108 -7.67 1.18 4.29
C PRO A 108 -8.80 2.17 4.03
N PRO A 109 -10.06 1.76 4.19
CA PRO A 109 -11.15 2.73 4.16
C PRO A 109 -10.93 3.82 5.20
N VAL A 110 -11.25 5.04 4.83
CA VAL A 110 -11.08 6.19 5.70
C VAL A 110 -12.44 6.79 5.96
N ASP A 111 -12.68 7.13 7.24
CA ASP A 111 -13.88 7.89 7.65
C ASP A 111 -13.49 9.31 8.04
N THR A 112 -14.23 10.30 7.52
CA THR A 112 -13.93 11.70 7.76
C THR A 112 -15.22 12.39 8.15
N GLU A 113 -15.23 13.12 9.26
CA GLU A 113 -16.44 13.68 9.82
C GLU A 113 -16.46 15.20 9.61
N PHE A 114 -17.61 15.72 9.17
CA PHE A 114 -17.78 17.16 8.98
C PHE A 114 -18.89 17.63 9.90
N ASP A 115 -18.63 18.70 10.65
CA ASP A 115 -19.66 19.35 11.44
C ASP A 115 -20.23 20.49 10.62
N ILE A 116 -21.48 20.32 10.19
CA ILE A 116 -22.16 21.24 9.28
C ILE A 116 -23.23 22.01 10.05
N SER A 117 -23.27 23.32 9.82
CA SER A 117 -24.27 24.17 10.47
C SER A 117 -25.00 25.07 9.51
N GLY A 118 -24.43 25.39 8.36
CA GLY A 118 -25.17 26.03 7.30
C GLY A 118 -24.46 25.84 5.99
N ASN A 119 -24.81 26.68 5.03
CA ASN A 119 -24.23 26.54 3.70
C ASN A 119 -22.79 27.04 3.65
N GLY A 120 -22.09 26.63 2.60
CA GLY A 120 -20.72 27.01 2.35
C GLY A 120 -19.86 25.78 2.11
N THR A 121 -18.55 26.01 2.08
CA THR A 121 -17.59 24.97 1.82
C THR A 121 -16.92 24.54 3.12
N TYR A 122 -16.70 23.23 3.27
CA TYR A 122 -16.16 22.66 4.49
C TYR A 122 -14.96 21.79 4.18
N HIS A 123 -13.95 21.89 5.02
CA HIS A 123 -12.76 21.10 4.89
C HIS A 123 -12.62 20.12 6.04
N PRO A 124 -11.81 19.09 5.87
CA PRO A 124 -11.51 18.18 6.99
C PRO A 124 -10.73 18.91 8.07
N GLN A 125 -10.94 18.49 9.31
CA GLN A 125 -10.43 19.22 10.47
C GLN A 125 -9.14 18.67 11.00
N THR A 126 -8.86 17.40 10.78
CA THR A 126 -7.59 16.81 11.19
C THR A 126 -6.54 16.97 10.11
N ASP B 5 11.32 4.12 1.73
CA ASP B 5 10.83 3.75 0.42
C ASP B 5 10.09 2.40 0.43
N LEU B 6 9.31 2.13 -0.64
CA LEU B 6 8.28 1.09 -0.64
C LEU B 6 8.69 -0.06 -1.55
N LEU B 7 8.90 -1.23 -0.95
CA LEU B 7 9.44 -2.37 -1.68
C LEU B 7 8.39 -3.01 -2.57
N PRO B 8 8.78 -3.59 -3.70
CA PRO B 8 7.84 -4.41 -4.46
C PRO B 8 7.52 -5.69 -3.71
N PRO B 9 6.38 -6.32 -3.96
CA PRO B 9 6.02 -7.46 -3.11
C PRO B 9 7.01 -8.60 -3.19
N GLU B 10 7.71 -8.71 -4.32
CA GLU B 10 8.70 -9.75 -4.53
C GLU B 10 9.84 -9.67 -3.51
N LYS B 11 10.11 -8.47 -3.00
CA LYS B 11 11.21 -8.30 -2.08
C LYS B 11 10.78 -8.15 -0.64
N ALA B 12 9.53 -7.78 -0.41
CA ALA B 12 9.04 -7.62 0.97
C ALA B 12 8.67 -8.95 1.61
N PHE B 13 8.26 -9.93 0.81
CA PHE B 13 7.84 -11.25 1.31
C PHE B 13 8.46 -12.31 0.42
N VAL B 14 9.45 -13.04 0.93
CA VAL B 14 10.25 -13.97 0.13
C VAL B 14 10.02 -15.40 0.62
N PRO B 15 9.27 -16.20 -0.13
CA PRO B 15 9.05 -17.59 0.27
C PRO B 15 10.22 -18.48 -0.12
N GLU B 16 10.42 -19.51 0.70
CA GLU B 16 11.34 -20.58 0.40
C GLU B 16 10.73 -21.90 0.85
N LEU B 17 10.74 -22.89 -0.04
CA LEU B 17 10.10 -24.19 0.18
C LEU B 17 11.15 -25.26 0.44
N ALA B 18 11.01 -25.97 1.56
CA ALA B 18 11.77 -27.20 1.83
C ALA B 18 10.80 -28.36 1.64
N VAL B 19 11.05 -29.18 0.62
CA VAL B 19 10.22 -30.35 0.34
C VAL B 19 10.96 -31.58 0.89
N ALA B 20 10.27 -32.36 1.73
CA ALA B 20 10.85 -33.57 2.32
C ALA B 20 9.89 -34.74 2.19
N ASP B 21 10.27 -35.89 2.74
CA ASP B 21 9.44 -37.08 2.63
C ASP B 21 8.11 -36.93 3.34
N ASP B 22 8.09 -36.19 4.47
CA ASP B 22 6.89 -36.04 5.30
C ASP B 22 5.95 -34.97 4.76
N GLY B 23 6.48 -33.92 4.16
CA GLY B 23 5.64 -32.85 3.66
C GLY B 23 6.52 -31.69 3.24
N VAL B 24 5.88 -30.56 2.98
CA VAL B 24 6.59 -29.38 2.51
C VAL B 24 6.51 -28.31 3.59
N ASN B 25 7.64 -27.67 3.85
CA ASN B 25 7.76 -26.61 4.85
C ASN B 25 8.06 -25.28 4.15
N VAL B 26 7.28 -24.26 4.46
CA VAL B 26 7.41 -22.96 3.82
C VAL B 26 7.87 -21.94 4.83
N ARG B 27 8.91 -21.17 4.47
CA ARG B 27 9.40 -20.05 5.26
C ARG B 27 9.35 -18.77 4.45
N PHE B 28 8.52 -17.82 4.87
CA PHE B 28 8.57 -16.47 4.35
C PHE B 28 9.57 -15.62 5.13
N ARG B 29 10.47 -14.96 4.42
CA ARG B 29 11.27 -13.91 5.01
C ARG B 29 10.57 -12.57 4.75
N ILE B 30 10.31 -11.82 5.83
CA ILE B 30 9.51 -10.58 5.76
C ILE B 30 10.44 -9.39 5.98
N ALA B 31 10.47 -8.47 5.04
CA ALA B 31 11.34 -7.30 5.20
C ALA B 31 10.88 -6.47 6.39
N ASP B 32 11.83 -5.81 7.04
CA ASP B 32 11.50 -4.89 8.13
C ASP B 32 10.52 -3.83 7.65
N GLY B 33 9.50 -3.55 8.44
CA GLY B 33 8.48 -2.60 8.09
C GLY B 33 7.29 -3.18 7.35
N TYR B 34 7.21 -4.51 7.26
CA TYR B 34 6.12 -5.23 6.59
C TYR B 34 5.59 -6.35 7.49
N TYR B 35 4.40 -6.85 7.18
CA TYR B 35 3.87 -7.98 7.94
C TYR B 35 2.92 -8.76 7.06
N MET B 36 2.65 -10.01 7.46
CA MET B 36 1.77 -10.90 6.72
C MET B 36 0.57 -11.31 7.56
N TYR B 37 -0.57 -11.48 6.87
CA TYR B 37 -1.77 -12.02 7.50
C TYR B 37 -1.72 -13.55 7.53
N GLN B 38 -1.71 -14.13 8.73
CA GLN B 38 -1.72 -15.58 8.82
C GLN B 38 -2.92 -16.18 8.10
N ALA B 39 -4.10 -15.58 8.25
CA ALA B 39 -5.29 -16.16 7.66
C ALA B 39 -5.30 -16.15 6.14
N LYS B 40 -4.35 -15.51 5.47
CA LYS B 40 -4.38 -15.43 4.02
C LYS B 40 -3.41 -16.41 3.36
N ILE B 41 -2.71 -17.20 4.16
CA ILE B 41 -1.71 -18.12 3.66
C ILE B 41 -2.39 -19.46 3.38
N VAL B 42 -2.35 -19.89 2.14
CA VAL B 42 -3.08 -21.06 1.69
C VAL B 42 -2.19 -21.81 0.71
N GLY B 43 -2.27 -23.14 0.74
CA GLY B 43 -1.56 -23.98 -0.20
C GLY B 43 -2.55 -24.82 -0.99
N LYS B 44 -2.24 -25.05 -2.26
CA LYS B 44 -3.02 -25.98 -3.07
C LYS B 44 -2.07 -26.65 -4.06
N THR B 45 -2.42 -27.86 -4.46
CA THR B 45 -1.57 -28.63 -5.34
C THR B 45 -2.33 -29.02 -6.60
N ASP B 46 -1.57 -29.39 -7.62
CA ASP B 46 -2.04 -29.95 -8.87
C ASP B 46 -1.09 -31.08 -9.22
N PRO B 47 -1.55 -32.34 -9.16
CA PRO B 47 -2.92 -32.80 -8.82
C PRO B 47 -3.40 -32.38 -7.41
N ALA B 48 -4.70 -32.40 -7.18
CA ALA B 48 -5.22 -31.73 -5.99
C ALA B 48 -5.19 -32.63 -4.75
N ASP B 49 -5.29 -31.96 -3.58
CA ASP B 49 -5.44 -32.61 -2.28
C ASP B 49 -4.27 -33.50 -1.90
N LEU B 50 -3.07 -33.16 -2.35
CA LEU B 50 -1.90 -33.91 -1.92
C LEU B 50 -1.44 -33.49 -0.53
N LEU B 51 -1.93 -32.38 0.02
CA LEU B 51 -1.44 -31.88 1.29
C LEU B 51 -2.55 -31.79 2.32
N GLY B 52 -2.15 -31.99 3.57
CA GLY B 52 -3.05 -31.86 4.70
C GLY B 52 -3.30 -30.41 5.08
N GLN B 53 -3.94 -30.25 6.21
CA GLN B 53 -4.14 -28.90 6.67
C GLN B 53 -2.81 -28.34 7.18
N PRO B 54 -2.57 -27.04 6.98
CA PRO B 54 -1.29 -26.47 7.40
C PRO B 54 -1.17 -26.40 8.91
N SER B 55 0.07 -26.42 9.38
CA SER B 55 0.42 -26.18 10.77
C SER B 55 1.30 -24.94 10.81
N PHE B 56 0.89 -23.93 11.59
CA PHE B 56 1.44 -22.58 11.55
C PHE B 56 2.37 -22.30 12.73
N SER B 57 3.46 -21.61 12.47
CA SER B 57 4.23 -21.09 13.59
C SER B 57 3.45 -19.97 14.30
N LYS B 58 3.83 -19.68 15.52
CA LYS B 58 3.08 -18.73 16.34
C LYS B 58 3.33 -17.30 15.88
N GLY B 59 2.25 -16.58 15.57
CA GLY B 59 2.31 -15.19 15.20
C GLY B 59 1.97 -14.26 16.35
N GLU B 60 1.52 -13.07 16.00
CA GLU B 60 1.15 -12.04 16.95
C GLU B 60 -0.23 -11.50 16.60
N GLU B 61 -0.88 -10.93 17.60
CA GLU B 61 -2.19 -10.33 17.39
C GLU B 61 -2.05 -8.86 17.09
N LYS B 62 -2.88 -8.39 16.16
CA LYS B 62 -2.81 -7.02 15.71
C LYS B 62 -4.22 -6.61 15.30
N GLU B 63 -4.54 -5.32 15.47
CA GLU B 63 -5.76 -4.78 14.86
C GLU B 63 -5.38 -3.66 13.90
N ASP B 64 -5.59 -3.88 12.61
CA ASP B 64 -5.34 -2.82 11.64
C ASP B 64 -6.64 -2.38 10.97
N GLU B 65 -6.56 -1.26 10.26
CA GLU B 65 -7.76 -0.72 9.62
C GLU B 65 -8.14 -1.52 8.39
N PHE B 66 -7.18 -2.20 7.80
CA PHE B 66 -7.43 -2.81 6.51
C PHE B 66 -8.22 -4.09 6.64
N PHE B 67 -8.08 -4.80 7.76
CA PHE B 67 -8.63 -6.14 7.88
C PHE B 67 -9.07 -6.50 9.30
N GLY B 68 -9.14 -5.52 10.23
CA GLY B 68 -9.57 -5.80 11.58
C GLY B 68 -8.52 -6.52 12.42
N ARG B 69 -9.02 -7.25 13.42
CA ARG B 69 -8.19 -8.06 14.31
C ARG B 69 -7.72 -9.34 13.61
N GLN B 70 -6.39 -9.58 13.62
CA GLN B 70 -5.78 -10.67 12.88
C GLN B 70 -4.53 -11.17 13.58
N THR B 71 -4.27 -12.48 13.42
CA THR B 71 -2.95 -13.04 13.73
C THR B 71 -2.00 -12.72 12.59
N VAL B 72 -0.89 -12.02 12.90
CA VAL B 72 0.05 -11.55 11.90
C VAL B 72 1.46 -12.04 12.18
N TYR B 73 2.30 -11.90 11.17
CA TYR B 73 3.71 -12.26 11.25
C TYR B 73 4.55 -11.04 10.95
N HIS B 74 5.46 -10.73 11.87
CA HIS B 74 6.60 -9.89 11.58
C HIS B 74 7.82 -10.79 11.43
N HIS B 75 8.80 -10.33 10.63
CA HIS B 75 10.12 -10.92 10.46
C HIS B 75 10.08 -12.21 9.63
N GLU B 76 9.22 -13.15 10.00
CA GLU B 76 9.16 -14.41 9.27
C GLU B 76 7.81 -15.06 9.51
N ALA B 77 7.40 -15.88 8.53
CA ALA B 77 6.24 -16.76 8.68
C ALA B 77 6.64 -18.19 8.29
N GLN B 78 6.25 -19.18 9.10
CA GLN B 78 6.58 -20.58 8.84
C GLN B 78 5.31 -21.43 8.83
N VAL B 79 5.14 -22.19 7.75
CA VAL B 79 3.95 -23.00 7.50
C VAL B 79 4.42 -24.40 7.10
N ALA B 80 3.88 -25.41 7.73
CA ALA B 80 4.23 -26.78 7.42
C ALA B 80 2.98 -27.52 6.94
N PHE B 81 3.01 -28.00 5.65
CA PHE B 81 1.94 -28.87 5.18
C PHE B 81 2.41 -30.31 5.22
N PRO B 82 1.65 -31.19 5.86
CA PRO B 82 1.93 -32.62 5.79
C PRO B 82 1.35 -33.24 4.54
N TYR B 83 2.03 -34.28 4.05
CA TYR B 83 1.54 -35.04 2.91
C TYR B 83 0.31 -35.84 3.31
N ALA B 84 -0.80 -35.58 2.62
CA ALA B 84 -2.08 -36.24 2.87
C ALA B 84 -2.22 -37.55 2.10
N LYS B 85 -1.16 -37.99 1.42
CA LYS B 85 -1.17 -39.23 0.67
C LYS B 85 0.29 -39.61 0.40
N ALA B 86 0.47 -40.73 -0.32
CA ALA B 86 1.81 -41.17 -0.71
C ALA B 86 2.57 -40.09 -1.48
N VAL B 87 3.86 -39.98 -1.20
CA VAL B 87 4.75 -39.11 -1.98
C VAL B 87 5.16 -39.86 -3.24
N GLY B 88 4.94 -39.24 -4.40
CA GLY B 88 5.18 -39.99 -5.62
C GLY B 88 5.79 -39.18 -6.75
N GLU B 89 4.93 -38.61 -7.58
CA GLU B 89 5.33 -38.04 -8.86
C GLU B 89 5.48 -36.53 -8.74
N PRO B 90 5.97 -35.86 -9.79
CA PRO B 90 6.00 -34.39 -9.76
C PRO B 90 4.61 -33.80 -9.62
N TYR B 91 4.55 -32.62 -8.99
CA TYR B 91 3.31 -31.87 -8.86
C TYR B 91 3.62 -30.38 -8.75
N LYS B 92 2.59 -29.56 -8.86
CA LYS B 92 2.76 -28.13 -8.76
C LYS B 92 2.06 -27.64 -7.49
N LEU B 93 2.79 -26.84 -6.71
CA LEU B 93 2.26 -26.26 -5.49
C LEU B 93 2.04 -24.77 -5.72
N VAL B 94 0.80 -24.31 -5.52
CA VAL B 94 0.45 -22.89 -5.63
C VAL B 94 0.26 -22.32 -4.23
N LEU B 95 1.00 -21.26 -3.94
CA LEU B 95 1.03 -20.63 -2.64
C LEU B 95 0.42 -19.24 -2.73
N THR B 96 -0.56 -18.98 -1.87
CA THR B 96 -1.21 -17.68 -1.77
C THR B 96 -0.87 -17.04 -0.42
N TYR B 97 -0.77 -15.73 -0.43
CA TYR B 97 -0.45 -15.00 0.78
C TYR B 97 -0.75 -13.55 0.53
N GLN B 98 -0.89 -12.81 1.62
CA GLN B 98 -1.07 -11.38 1.53
C GLN B 98 -0.36 -10.71 2.68
N GLY B 99 0.34 -9.61 2.37
CA GLY B 99 1.02 -8.83 3.37
C GLY B 99 0.79 -7.33 3.17
N CYS B 100 1.25 -6.55 4.15
CA CYS B 100 1.05 -5.12 4.18
C CYS B 100 2.33 -4.44 4.61
N ALA B 101 2.33 -3.13 4.54
CA ALA B 101 3.43 -2.33 5.00
C ALA B 101 2.99 -1.55 6.23
N GLU B 102 3.87 -1.47 7.23
CA GLU B 102 3.53 -0.78 8.48
C GLU B 102 3.08 0.65 8.27
N VAL B 103 3.53 1.32 7.21
CA VAL B 103 3.11 2.70 6.99
C VAL B 103 1.62 2.81 6.72
N GLY B 104 0.95 1.69 6.44
CA GLY B 104 -0.49 1.66 6.35
C GLY B 104 -1.10 1.38 5.00
N VAL B 105 -0.46 0.57 4.16
CA VAL B 105 -1.05 0.17 2.90
C VAL B 105 -0.85 -1.33 2.79
N CYS B 106 -1.72 -2.00 2.02
CA CYS B 106 -1.61 -3.43 1.83
C CYS B 106 -1.45 -3.73 0.34
N TYR B 107 -0.76 -4.82 0.07
CA TYR B 107 -0.58 -5.42 -1.24
C TYR B 107 -1.73 -6.35 -1.55
N PRO B 108 -2.07 -6.58 -2.81
CA PRO B 108 -3.08 -7.59 -3.13
C PRO B 108 -2.55 -8.99 -2.85
N PRO B 109 -3.42 -9.99 -2.80
CA PRO B 109 -2.94 -11.36 -2.63
C PRO B 109 -2.00 -11.75 -3.76
N VAL B 110 -1.02 -12.55 -3.43
CA VAL B 110 -0.01 -13.00 -4.38
C VAL B 110 -0.11 -14.51 -4.48
N ASP B 111 -0.12 -15.02 -5.71
CA ASP B 111 -0.01 -16.44 -5.98
C ASP B 111 1.36 -16.75 -6.55
N THR B 112 1.95 -17.85 -6.07
CA THR B 112 3.29 -18.24 -6.46
C THR B 112 3.28 -19.76 -6.62
N GLU B 113 3.72 -20.22 -7.77
CA GLU B 113 3.61 -21.61 -8.17
C GLU B 113 4.99 -22.23 -8.15
N PHE B 114 5.09 -23.44 -7.66
CA PHE B 114 6.34 -24.16 -7.56
C PHE B 114 6.19 -25.50 -8.29
N ASP B 115 7.19 -25.84 -9.09
CA ASP B 115 7.24 -27.11 -9.82
C ASP B 115 8.03 -28.10 -8.96
N ILE B 116 7.31 -28.93 -8.22
CA ILE B 116 7.93 -29.89 -7.31
C ILE B 116 8.21 -31.21 -8.05
N SER B 117 9.44 -31.67 -7.94
CA SER B 117 9.86 -32.93 -8.54
C SER B 117 10.37 -33.94 -7.53
N GLY B 118 11.10 -33.48 -6.53
CA GLY B 118 11.60 -34.35 -5.49
C GLY B 118 11.85 -33.54 -4.25
N ASN B 119 12.72 -34.05 -3.39
CA ASN B 119 13.01 -33.35 -2.16
C ASN B 119 14.11 -32.32 -2.38
N GLY B 120 14.07 -31.26 -1.58
CA GLY B 120 15.04 -30.20 -1.64
C GLY B 120 14.37 -28.88 -1.30
N THR B 121 15.09 -27.79 -1.58
CA THR B 121 14.56 -26.44 -1.40
C THR B 121 14.18 -25.85 -2.75
N TYR B 122 13.06 -25.13 -2.78
CA TYR B 122 12.60 -24.48 -4.01
C TYR B 122 12.44 -22.97 -3.82
N HIS B 123 12.75 -22.22 -4.86
CA HIS B 123 12.66 -20.76 -4.87
C HIS B 123 11.69 -20.34 -5.95
N PRO B 124 11.09 -19.16 -5.82
CA PRO B 124 10.20 -18.67 -6.88
C PRO B 124 10.95 -18.45 -8.19
N GLN B 125 10.28 -18.73 -9.31
CA GLN B 125 10.92 -18.66 -10.61
C GLN B 125 10.78 -17.30 -11.27
N THR B 126 9.87 -16.48 -10.79
CA THR B 126 9.67 -15.16 -11.38
C THR B 126 10.42 -14.08 -10.58
N ASN C 4 10.47 20.32 -21.44
CA ASN C 4 9.65 19.11 -21.27
C ASN C 4 10.47 17.94 -20.75
N ASP C 5 10.32 17.63 -19.46
CA ASP C 5 10.99 16.48 -18.88
C ASP C 5 10.25 15.20 -19.30
N LEU C 6 10.99 14.21 -19.80
CA LEU C 6 10.40 13.07 -20.50
C LEU C 6 11.02 11.76 -20.05
N LEU C 7 10.18 10.73 -19.89
CA LEU C 7 10.58 9.43 -19.38
C LEU C 7 11.08 8.54 -20.52
N PRO C 8 12.03 7.64 -20.24
CA PRO C 8 12.32 6.59 -21.20
C PRO C 8 11.14 5.64 -21.28
N PRO C 9 10.93 4.97 -22.42
CA PRO C 9 9.71 4.17 -22.57
C PRO C 9 9.61 3.04 -21.56
N GLU C 10 10.74 2.47 -21.13
CA GLU C 10 10.73 1.36 -20.16
C GLU C 10 10.20 1.79 -18.80
N LYS C 11 10.05 3.09 -18.56
CA LYS C 11 9.38 3.55 -17.36
C LYS C 11 8.00 4.16 -17.64
N ALA C 12 7.76 4.68 -18.85
CA ALA C 12 6.44 5.20 -19.19
C ALA C 12 5.39 4.10 -19.38
N PHE C 13 5.80 2.93 -19.85
CA PHE C 13 4.88 1.83 -20.15
C PHE C 13 5.49 0.59 -19.55
N VAL C 14 4.98 0.18 -18.40
CA VAL C 14 5.55 -0.91 -17.63
C VAL C 14 4.57 -2.09 -17.69
N PRO C 15 4.95 -3.20 -18.35
CA PRO C 15 4.02 -4.33 -18.45
C PRO C 15 4.27 -5.40 -17.39
N GLU C 16 3.22 -6.09 -16.99
CA GLU C 16 3.32 -7.19 -16.03
C GLU C 16 2.50 -8.33 -16.59
N LEU C 17 3.05 -9.53 -16.55
CA LEU C 17 2.42 -10.71 -17.11
C LEU C 17 1.86 -11.59 -16.01
N ALA C 18 0.57 -11.90 -16.11
CA ALA C 18 -0.03 -12.95 -15.29
C ALA C 18 -0.22 -14.19 -16.17
N VAL C 19 0.63 -15.20 -15.97
CA VAL C 19 0.58 -16.44 -16.74
C VAL C 19 -0.17 -17.51 -15.96
N ALA C 20 -1.32 -17.95 -16.48
CA ALA C 20 -2.09 -18.98 -15.81
C ALA C 20 -2.44 -20.12 -16.75
N ASP C 21 -3.36 -20.99 -16.33
CA ASP C 21 -3.77 -22.09 -17.18
C ASP C 21 -4.54 -21.61 -18.40
N ASP C 22 -5.33 -20.53 -18.26
CA ASP C 22 -6.23 -20.10 -19.33
C ASP C 22 -5.50 -19.31 -20.43
N GLY C 23 -4.46 -18.56 -20.07
CA GLY C 23 -3.75 -17.73 -21.02
C GLY C 23 -2.74 -16.83 -20.31
N VAL C 24 -2.42 -15.71 -20.96
CA VAL C 24 -1.52 -14.71 -20.41
C VAL C 24 -2.27 -13.37 -20.39
N ASN C 25 -2.27 -12.72 -19.23
CA ASN C 25 -3.00 -11.48 -19.02
C ASN C 25 -1.97 -10.38 -18.83
N VAL C 26 -1.98 -9.40 -19.74
CA VAL C 26 -0.99 -8.34 -19.72
C VAL C 26 -1.62 -7.13 -19.06
N ARG C 27 -0.96 -6.64 -18.01
CA ARG C 27 -1.31 -5.39 -17.36
C ARG C 27 -0.22 -4.38 -17.67
N PHE C 28 -0.62 -3.25 -18.25
CA PHE C 28 0.26 -2.11 -18.44
C PHE C 28 -0.03 -1.05 -17.38
N ARG C 29 1.03 -0.65 -16.67
CA ARG C 29 1.01 0.57 -15.87
C ARG C 29 1.60 1.70 -16.70
N ILE C 30 0.86 2.79 -16.80
CA ILE C 30 1.15 3.87 -17.73
C ILE C 30 1.35 5.14 -16.94
N ALA C 31 2.50 5.76 -17.09
CA ALA C 31 2.77 6.95 -16.29
C ALA C 31 1.85 8.10 -16.69
N ASP C 32 1.60 8.98 -15.72
CA ASP C 32 0.82 10.17 -16.02
C ASP C 32 1.54 11.04 -17.03
N GLY C 33 0.79 11.53 -18.01
CA GLY C 33 1.35 12.26 -19.11
C GLY C 33 1.56 11.41 -20.34
N TYR C 34 1.27 10.12 -20.28
CA TYR C 34 1.58 9.24 -21.38
C TYR C 34 0.33 8.46 -21.77
N TYR C 35 0.32 7.92 -22.99
CA TYR C 35 -0.82 7.10 -23.40
C TYR C 35 -0.34 6.08 -24.41
N MET C 36 -1.10 4.98 -24.52
CA MET C 36 -0.77 3.88 -25.42
C MET C 36 -1.86 3.69 -26.46
N TYR C 37 -1.44 3.32 -27.67
CA TYR C 37 -2.38 2.97 -28.71
C TYR C 37 -2.85 1.54 -28.50
N GLN C 38 -4.14 1.36 -28.29
CA GLN C 38 -4.70 0.01 -28.19
C GLN C 38 -4.38 -0.81 -29.44
N ALA C 39 -4.52 -0.20 -30.62
CA ALA C 39 -4.37 -0.93 -31.87
C ALA C 39 -2.96 -1.45 -32.07
N LYS C 40 -1.99 -1.00 -31.29
CA LYS C 40 -0.60 -1.34 -31.53
C LYS C 40 -0.02 -2.26 -30.46
N ILE C 41 -0.88 -2.86 -29.64
CA ILE C 41 -0.44 -3.85 -28.67
C ILE C 41 -0.53 -5.22 -29.31
N VAL C 42 0.61 -5.90 -29.41
CA VAL C 42 0.74 -7.10 -30.23
C VAL C 42 1.62 -8.09 -29.46
N GLY C 43 1.20 -9.36 -29.44
CA GLY C 43 1.97 -10.41 -28.80
C GLY C 43 2.28 -11.51 -29.78
N LYS C 44 3.46 -12.12 -29.62
CA LYS C 44 3.93 -13.17 -30.51
C LYS C 44 4.86 -14.08 -29.73
N THR C 45 4.79 -15.39 -29.99
CA THR C 45 5.51 -16.41 -29.24
C THR C 45 6.31 -17.29 -30.19
N ASP C 46 7.34 -17.97 -29.66
CA ASP C 46 8.02 -19.04 -30.39
C ASP C 46 8.10 -20.28 -29.51
N PRO C 47 7.43 -21.39 -29.88
CA PRO C 47 6.67 -21.64 -31.11
C PRO C 47 5.58 -20.60 -31.40
N ALA C 48 5.18 -20.45 -32.66
CA ALA C 48 4.21 -19.44 -33.00
C ALA C 48 2.78 -19.89 -32.63
N ASP C 49 1.90 -18.91 -32.48
CA ASP C 49 0.45 -19.12 -32.49
C ASP C 49 -0.05 -19.90 -31.27
N LEU C 50 0.57 -19.66 -30.12
CA LEU C 50 0.07 -20.22 -28.87
C LEU C 50 -1.01 -19.37 -28.23
N LEU C 51 -1.23 -18.16 -28.74
CA LEU C 51 -2.19 -17.25 -28.17
C LEU C 51 -3.28 -16.95 -29.20
N GLY C 52 -4.50 -16.75 -28.70
CA GLY C 52 -5.59 -16.31 -29.54
C GLY C 52 -5.63 -14.79 -29.68
N GLN C 53 -6.70 -14.32 -30.29
CA GLN C 53 -6.89 -12.88 -30.40
C GLN C 53 -7.12 -12.31 -29.00
N PRO C 54 -6.43 -11.23 -28.64
CA PRO C 54 -6.56 -10.71 -27.28
C PRO C 54 -7.90 -10.02 -27.04
N SER C 55 -8.28 -10.00 -25.78
CA SER C 55 -9.39 -9.20 -25.28
C SER C 55 -8.81 -7.93 -24.64
N PHE C 56 -9.43 -6.78 -24.94
CA PHE C 56 -8.92 -5.47 -24.53
C PHE C 56 -9.82 -4.81 -23.50
N SER C 57 -9.23 -4.34 -22.41
CA SER C 57 -9.96 -3.54 -21.43
C SER C 57 -10.48 -2.26 -22.07
N LYS C 58 -11.38 -1.58 -21.35
CA LYS C 58 -12.07 -0.42 -21.92
C LYS C 58 -11.15 0.80 -21.93
N GLY C 59 -11.01 1.43 -23.10
CA GLY C 59 -10.21 2.63 -23.26
C GLY C 59 -11.04 3.86 -23.58
N GLU C 60 -10.39 4.84 -24.23
CA GLU C 60 -11.06 6.06 -24.68
C GLU C 60 -10.68 6.39 -26.11
N GLU C 61 -11.47 7.26 -26.73
CA GLU C 61 -11.26 7.68 -28.11
C GLU C 61 -10.45 8.96 -28.16
N LYS C 62 -9.48 9.01 -29.06
CA LYS C 62 -8.69 10.22 -29.14
C LYS C 62 -8.13 10.34 -30.55
N GLU C 63 -8.01 11.58 -30.99
CA GLU C 63 -7.44 11.92 -32.29
C GLU C 63 -6.23 12.79 -31.99
N ASP C 64 -5.04 12.30 -32.30
CA ASP C 64 -3.81 13.05 -32.17
C ASP C 64 -3.22 13.31 -33.54
N GLU C 65 -2.07 13.95 -33.57
CA GLU C 65 -1.44 14.32 -34.84
C GLU C 65 -0.40 13.28 -35.26
N PHE C 66 -0.72 11.99 -35.10
CA PHE C 66 0.28 10.96 -35.36
C PHE C 66 -0.32 9.77 -36.09
N PHE C 67 -1.51 9.35 -35.67
CA PHE C 67 -2.18 8.20 -36.27
C PHE C 67 -3.67 8.47 -36.35
N GLY C 68 -4.04 9.74 -36.57
CA GLY C 68 -5.44 10.07 -36.74
C GLY C 68 -6.20 9.80 -35.47
N ARG C 69 -7.32 9.10 -35.59
CA ARG C 69 -8.20 8.82 -34.46
C ARG C 69 -8.04 7.36 -34.02
N GLN C 70 -8.00 7.15 -32.70
CA GLN C 70 -7.58 5.88 -32.13
C GLN C 70 -8.23 5.67 -30.78
N THR C 71 -8.37 4.40 -30.42
CA THR C 71 -8.59 4.00 -29.04
C THR C 71 -7.26 3.99 -28.30
N VAL C 72 -7.14 4.83 -27.28
CA VAL C 72 -5.93 4.96 -26.49
C VAL C 72 -6.24 4.62 -25.04
N TYR C 73 -5.17 4.37 -24.28
CA TYR C 73 -5.22 4.08 -22.86
C TYR C 73 -4.43 5.12 -22.07
N HIS C 74 -5.06 5.73 -21.04
CA HIS C 74 -4.32 6.44 -19.99
C HIS C 74 -4.26 5.58 -18.71
N HIS C 75 -3.21 5.81 -17.90
CA HIS C 75 -3.02 5.14 -16.61
C HIS C 75 -2.79 3.62 -16.65
N GLU C 76 -3.68 2.87 -17.29
CA GLU C 76 -3.50 1.44 -17.34
C GLU C 76 -4.28 0.89 -18.52
N ALA C 77 -3.86 -0.30 -18.93
CA ALA C 77 -4.45 -1.09 -20.00
C ALA C 77 -4.31 -2.54 -19.58
N GLN C 78 -5.29 -3.35 -19.94
CA GLN C 78 -5.26 -4.75 -19.57
C GLN C 78 -5.68 -5.53 -20.81
N VAL C 79 -4.89 -6.55 -21.16
CA VAL C 79 -5.05 -7.24 -22.45
C VAL C 79 -4.88 -8.72 -22.19
N ALA C 80 -5.91 -9.52 -22.51
CA ALA C 80 -5.95 -10.94 -22.16
C ALA C 80 -5.82 -11.77 -23.42
N PHE C 81 -4.65 -12.37 -23.62
CA PHE C 81 -4.43 -13.28 -24.74
C PHE C 81 -4.86 -14.69 -24.31
N PRO C 82 -5.92 -15.26 -24.87
CA PRO C 82 -6.28 -16.64 -24.53
C PRO C 82 -5.26 -17.62 -25.09
N TYR C 83 -5.06 -18.72 -24.37
CA TYR C 83 -4.23 -19.81 -24.88
C TYR C 83 -4.93 -20.50 -26.04
N ALA C 84 -4.22 -20.61 -27.16
CA ALA C 84 -4.73 -21.39 -28.28
C ALA C 84 -4.53 -22.89 -28.11
N LYS C 85 -3.50 -23.31 -27.36
CA LYS C 85 -3.21 -24.74 -27.24
C LYS C 85 -3.33 -25.12 -25.76
N ALA C 86 -2.26 -25.59 -25.10
CA ALA C 86 -2.18 -25.98 -23.69
C ALA C 86 -0.74 -25.77 -23.28
N VAL C 87 -0.49 -25.76 -21.97
CA VAL C 87 0.87 -25.54 -21.49
C VAL C 87 1.71 -26.78 -21.79
N GLY C 88 2.66 -26.64 -22.71
CA GLY C 88 3.53 -27.76 -22.99
C GLY C 88 4.90 -27.55 -22.35
N GLU C 89 5.65 -26.64 -22.92
CA GLU C 89 7.04 -26.45 -22.55
C GLU C 89 7.31 -24.97 -22.34
N PRO C 90 8.46 -24.60 -21.75
CA PRO C 90 8.81 -23.17 -21.68
C PRO C 90 8.84 -22.56 -23.07
N TYR C 91 8.38 -21.30 -23.17
CA TYR C 91 8.30 -20.58 -24.43
C TYR C 91 8.70 -19.13 -24.21
N LYS C 92 8.89 -18.42 -25.32
CA LYS C 92 9.21 -17.00 -25.34
C LYS C 92 7.99 -16.19 -25.77
N LEU C 93 7.75 -15.09 -25.07
CA LEU C 93 6.75 -14.11 -25.47
C LEU C 93 7.44 -12.81 -25.83
N VAL C 94 7.12 -12.27 -27.01
CA VAL C 94 7.55 -10.94 -27.42
C VAL C 94 6.31 -10.05 -27.46
N LEU C 95 6.28 -9.07 -26.59
CA LEU C 95 5.15 -8.14 -26.50
C LEU C 95 5.57 -6.84 -27.17
N THR C 96 4.73 -6.34 -28.06
CA THR C 96 5.03 -5.10 -28.77
C THR C 96 3.91 -4.10 -28.53
N TYR C 97 4.27 -2.83 -28.43
CA TYR C 97 3.29 -1.80 -28.11
C TYR C 97 3.93 -0.46 -28.42
N GLN C 98 3.09 0.56 -28.54
CA GLN C 98 3.59 1.88 -28.90
C GLN C 98 2.82 2.93 -28.12
N GLY C 99 3.54 3.95 -27.64
CA GLY C 99 2.92 4.97 -26.83
C GLY C 99 3.52 6.34 -27.07
N CYS C 100 2.84 7.35 -26.55
CA CYS C 100 3.16 8.76 -26.74
C CYS C 100 3.12 9.50 -25.41
N ALA C 101 3.52 10.76 -25.46
CA ALA C 101 3.40 11.71 -24.37
C ALA C 101 2.38 12.79 -24.73
N GLU C 102 1.58 13.21 -23.74
CA GLU C 102 0.59 14.26 -23.96
C GLU C 102 1.22 15.58 -24.38
N VAL C 103 2.51 15.80 -24.08
CA VAL C 103 3.21 17.00 -24.51
C VAL C 103 3.37 17.04 -26.03
N GLY C 104 3.19 15.91 -26.72
CA GLY C 104 3.11 15.90 -28.18
C GLY C 104 4.24 15.20 -28.92
N VAL C 105 4.73 14.10 -28.37
CA VAL C 105 5.77 13.32 -29.01
C VAL C 105 5.40 11.86 -28.86
N CYS C 106 5.83 11.05 -29.81
CA CYS C 106 5.55 9.64 -29.75
C CYS C 106 6.86 8.86 -29.78
N TYR C 107 6.87 7.77 -29.07
CA TYR C 107 7.97 6.82 -29.07
C TYR C 107 7.79 5.85 -30.21
N PRO C 108 8.85 5.15 -30.61
CA PRO C 108 8.67 4.08 -31.59
C PRO C 108 8.00 2.89 -30.95
N PRO C 109 7.45 1.97 -31.74
CA PRO C 109 7.06 0.68 -31.17
C PRO C 109 8.21 0.15 -30.33
N VAL C 110 7.85 -0.42 -29.20
CA VAL C 110 8.78 -1.07 -28.29
C VAL C 110 8.40 -2.54 -28.22
N ASP C 111 9.40 -3.39 -28.23
CA ASP C 111 9.19 -4.81 -28.06
C ASP C 111 9.90 -5.22 -26.79
N THR C 112 9.26 -6.09 -26.02
CA THR C 112 9.82 -6.60 -24.77
C THR C 112 9.70 -8.11 -24.75
N GLU C 113 10.80 -8.79 -24.39
CA GLU C 113 10.91 -10.23 -24.49
C GLU C 113 10.71 -10.87 -23.13
N PHE C 114 9.89 -11.93 -23.06
CA PHE C 114 9.63 -12.66 -21.83
C PHE C 114 9.93 -14.14 -22.04
N ASP C 115 10.70 -14.71 -21.13
CA ASP C 115 10.96 -16.15 -21.12
C ASP C 115 10.01 -16.79 -20.12
N ILE C 116 8.93 -17.42 -20.62
CA ILE C 116 7.89 -18.01 -19.75
C ILE C 116 8.24 -19.44 -19.42
N SER C 117 8.12 -19.81 -18.14
CA SER C 117 8.35 -21.18 -17.69
C SER C 117 7.00 -21.71 -17.23
N GLY C 118 6.74 -21.79 -15.93
CA GLY C 118 5.43 -22.14 -15.43
C GLY C 118 4.53 -20.93 -15.28
N ASN C 119 3.51 -21.10 -14.44
CA ASN C 119 2.61 -20.01 -14.13
C ASN C 119 3.25 -19.09 -13.10
N GLY C 120 2.94 -17.81 -13.19
CA GLY C 120 3.48 -16.85 -12.26
C GLY C 120 3.27 -15.42 -12.73
N THR C 121 3.90 -14.50 -12.01
CA THR C 121 3.86 -13.08 -12.31
C THR C 121 5.20 -12.67 -12.90
N TYR C 122 5.22 -12.30 -14.17
CA TYR C 122 6.45 -11.96 -14.89
C TYR C 122 6.60 -10.47 -15.13
N HIS C 123 7.76 -9.94 -14.82
CA HIS C 123 8.17 -8.58 -15.16
C HIS C 123 9.32 -8.62 -16.16
N PRO C 124 9.54 -7.54 -16.92
CA PRO C 124 10.66 -7.50 -17.86
C PRO C 124 11.99 -7.86 -17.18
N GLN C 125 12.87 -8.51 -17.94
CA GLN C 125 14.25 -8.73 -17.51
C GLN C 125 15.19 -7.80 -18.25
N THR C 126 16.22 -7.34 -17.56
CA THR C 126 17.12 -6.32 -18.09
C THR C 126 18.35 -6.99 -18.68
N ALA D 3 29.56 3.04 18.37
CA ALA D 3 28.83 4.07 17.65
C ALA D 3 27.47 3.54 17.18
N ASN D 4 26.42 4.34 17.38
CA ASN D 4 25.04 3.92 17.16
C ASN D 4 24.23 5.06 16.56
N ASP D 5 23.58 4.80 15.44
CA ASP D 5 22.71 5.78 14.78
C ASP D 5 21.29 5.60 15.28
N LEU D 6 20.73 6.65 15.88
CA LEU D 6 19.42 6.61 16.52
C LEU D 6 18.47 7.62 15.91
N LEU D 7 17.13 7.34 16.09
CA LEU D 7 16.05 8.20 15.61
C LEU D 7 15.66 9.20 16.69
N PRO D 8 15.22 10.39 16.30
CA PRO D 8 14.53 11.24 17.27
C PRO D 8 13.29 10.57 17.76
N PRO D 9 12.85 10.87 19.00
CA PRO D 9 11.68 10.17 19.55
C PRO D 9 10.41 10.32 18.71
N GLU D 10 10.20 11.47 18.07
CA GLU D 10 9.02 11.67 17.25
C GLU D 10 8.97 10.76 16.04
N LYS D 11 10.08 10.08 15.71
CA LYS D 11 10.11 9.13 14.61
C LYS D 11 10.18 7.68 15.07
N ALA D 12 10.75 7.40 16.25
CA ALA D 12 10.76 6.05 16.76
C ALA D 12 9.39 5.60 17.27
N PHE D 13 8.56 6.55 17.73
CA PHE D 13 7.27 6.26 18.37
C PHE D 13 6.27 7.29 17.85
N VAL D 14 5.36 6.85 17.01
CA VAL D 14 4.41 7.76 16.39
C VAL D 14 3.00 7.43 16.83
N PRO D 15 2.34 8.31 17.57
CA PRO D 15 0.97 8.07 18.00
C PRO D 15 -0.05 8.58 16.99
N GLU D 16 -1.21 7.93 17.00
CA GLU D 16 -2.32 8.23 16.12
C GLU D 16 -3.59 7.93 16.93
N LEU D 17 -4.45 8.94 17.06
CA LEU D 17 -5.64 8.88 17.88
C LEU D 17 -6.88 8.74 17.01
N ALA D 18 -7.61 7.66 17.19
CA ALA D 18 -8.92 7.52 16.58
C ALA D 18 -9.97 7.87 17.62
N VAL D 19 -10.60 9.04 17.45
CA VAL D 19 -11.64 9.52 18.34
C VAL D 19 -13.00 9.11 17.78
N ALA D 20 -13.83 8.50 18.63
CA ALA D 20 -15.15 8.04 18.24
C ALA D 20 -16.10 8.36 19.37
N ASP D 21 -17.35 7.90 19.20
CA ASP D 21 -18.38 8.10 20.21
C ASP D 21 -18.08 7.31 21.48
N ASP D 22 -17.48 6.13 21.36
CA ASP D 22 -17.23 5.31 22.53
C ASP D 22 -15.95 5.69 23.27
N GLY D 23 -15.09 6.46 22.65
CA GLY D 23 -13.86 6.87 23.29
C GLY D 23 -12.71 6.97 22.31
N VAL D 24 -11.51 7.01 22.86
CA VAL D 24 -10.29 7.31 22.12
C VAL D 24 -9.46 6.05 21.98
N ASN D 25 -9.11 5.72 20.74
CA ASN D 25 -8.22 4.60 20.46
C ASN D 25 -6.85 5.14 20.04
N VAL D 26 -5.83 4.79 20.79
CA VAL D 26 -4.47 5.21 20.50
C VAL D 26 -3.75 4.06 19.81
N ARG D 27 -3.11 4.35 18.69
CA ARG D 27 -2.25 3.39 18.02
CA ARG D 27 -2.24 3.39 18.02
C ARG D 27 -0.87 4.02 17.88
N PHE D 28 0.15 3.26 18.25
CA PHE D 28 1.54 3.66 18.15
C PHE D 28 2.19 2.84 17.05
N ARG D 29 2.84 3.51 16.12
CA ARG D 29 3.77 2.86 15.19
C ARG D 29 5.17 2.94 15.81
N ILE D 30 5.80 1.79 16.00
CA ILE D 30 7.09 1.69 16.70
C ILE D 30 8.15 1.23 15.72
N ALA D 31 9.18 2.04 15.52
CA ALA D 31 10.22 1.71 14.54
C ALA D 31 10.97 0.44 14.94
N ASP D 32 11.45 -0.26 13.92
CA ASP D 32 12.31 -1.41 14.13
C ASP D 32 13.58 -1.01 14.88
N GLY D 33 13.91 -1.78 15.90
CA GLY D 33 14.98 -1.48 16.81
C GLY D 33 14.53 -0.76 18.05
N TYR D 34 13.24 -0.59 18.24
CA TYR D 34 12.77 0.20 19.36
C TYR D 34 11.70 -0.56 20.10
N TYR D 35 11.42 -0.11 21.31
CA TYR D 35 10.35 -0.74 22.06
C TYR D 35 9.80 0.27 23.06
N MET D 36 8.53 0.09 23.44
CA MET D 36 7.85 0.94 24.41
C MET D 36 7.52 0.17 25.68
N TYR D 37 7.54 0.88 26.82
CA TYR D 37 7.08 0.33 28.09
C TYR D 37 5.57 0.55 28.23
N GLN D 38 4.81 -0.55 28.28
CA GLN D 38 3.36 -0.46 28.48
C GLN D 38 2.98 0.28 29.77
N ALA D 39 3.75 0.09 30.85
CA ALA D 39 3.40 0.75 32.11
C ALA D 39 3.58 2.26 32.09
N LYS D 40 4.21 2.83 31.06
CA LYS D 40 4.41 4.27 30.98
C LYS D 40 3.41 4.95 30.06
N ILE D 41 2.53 4.19 29.41
CA ILE D 41 1.50 4.82 28.58
C ILE D 41 0.40 5.34 29.48
N VAL D 42 0.18 6.64 29.45
CA VAL D 42 -0.80 7.27 30.33
C VAL D 42 -1.57 8.31 29.54
N GLY D 43 -2.88 8.34 29.73
CA GLY D 43 -3.70 9.39 29.16
C GLY D 43 -4.40 10.28 30.19
N LYS D 44 -4.35 11.58 29.96
CA LYS D 44 -4.98 12.57 30.80
C LYS D 44 -5.73 13.56 29.91
N THR D 45 -6.84 14.09 30.42
CA THR D 45 -7.65 15.04 29.66
C THR D 45 -7.89 16.32 30.45
N ASP D 46 -8.23 17.37 29.73
CA ASP D 46 -8.63 18.65 30.32
C ASP D 46 -9.93 19.11 29.67
N PRO D 47 -11.07 19.01 30.37
CA PRO D 47 -11.33 18.65 31.77
C PRO D 47 -10.91 17.24 32.16
N ALA D 48 -10.56 17.09 33.43
CA ALA D 48 -10.09 15.82 33.93
C ALA D 48 -11.13 14.72 33.83
N ASP D 49 -10.66 13.51 33.54
CA ASP D 49 -11.43 12.27 33.71
C ASP D 49 -12.58 12.16 32.72
N LEU D 50 -12.34 12.56 31.48
CA LEU D 50 -13.24 12.17 30.42
C LEU D 50 -13.08 10.69 30.07
N LEU D 51 -11.91 10.12 30.35
CA LEU D 51 -11.57 8.77 29.94
C LEU D 51 -11.65 7.81 31.11
N GLY D 52 -12.20 6.63 30.86
CA GLY D 52 -12.10 5.53 31.80
C GLY D 52 -10.75 4.87 31.75
N GLN D 53 -10.67 3.72 32.37
CA GLN D 53 -9.36 3.08 32.38
C GLN D 53 -9.12 2.37 31.05
N PRO D 54 -7.88 2.41 30.55
CA PRO D 54 -7.62 1.93 29.18
C PRO D 54 -7.56 0.42 29.12
N SER D 55 -7.72 -0.05 27.88
CA SER D 55 -7.63 -1.46 27.53
C SER D 55 -6.45 -1.62 26.57
N PHE D 56 -5.46 -2.41 26.99
CA PHE D 56 -4.17 -2.50 26.30
C PHE D 56 -4.13 -3.72 25.39
N SER D 57 -3.58 -3.54 24.20
CA SER D 57 -3.25 -4.70 23.38
C SER D 57 -2.21 -5.54 24.09
N LYS D 58 -2.19 -6.83 23.75
CA LYS D 58 -1.24 -7.78 24.37
C LYS D 58 0.22 -7.44 24.03
N GLY D 59 1.10 -7.53 25.05
CA GLY D 59 2.50 -7.27 24.84
C GLY D 59 3.41 -8.43 25.22
N GLU D 60 4.72 -8.19 25.28
CA GLU D 60 5.73 -9.18 25.61
C GLU D 60 6.38 -8.83 26.95
N GLU D 61 6.88 -9.84 27.65
CA GLU D 61 7.54 -9.65 28.93
C GLU D 61 9.04 -9.68 28.71
N LYS D 62 9.75 -8.67 29.21
CA LYS D 62 11.20 -8.74 29.08
C LYS D 62 11.88 -7.92 30.15
N GLU D 63 13.16 -8.23 30.34
CA GLU D 63 14.03 -7.57 31.29
C GLU D 63 15.11 -6.89 30.49
N ASP D 64 15.25 -5.58 30.62
CA ASP D 64 16.35 -4.94 29.92
C ASP D 64 17.47 -4.58 30.90
N GLU D 65 18.37 -3.69 30.48
CA GLU D 65 19.47 -3.28 31.36
C GLU D 65 19.06 -2.19 32.36
N PHE D 66 17.85 -1.65 32.24
CA PHE D 66 17.41 -0.57 33.11
C PHE D 66 16.63 -1.07 34.31
N PHE D 67 15.68 -1.99 34.09
CA PHE D 67 14.87 -2.57 35.15
C PHE D 67 14.73 -4.05 34.86
N GLY D 68 13.89 -4.69 35.66
CA GLY D 68 13.65 -6.12 35.54
C GLY D 68 12.56 -6.44 34.56
N ARG D 69 11.89 -7.57 34.82
CA ARG D 69 10.83 -8.03 33.94
C ARG D 69 9.75 -6.97 33.81
N GLN D 70 9.32 -6.72 32.58
CA GLN D 70 8.33 -5.68 32.32
C GLN D 70 7.64 -5.97 30.98
N THR D 71 6.44 -5.43 30.84
CA THR D 71 5.67 -5.60 29.61
C THR D 71 6.08 -4.53 28.60
N VAL D 72 6.48 -4.95 27.41
CA VAL D 72 6.96 -4.04 26.38
C VAL D 72 6.27 -4.32 25.05
N TYR D 73 6.36 -3.36 24.14
CA TYR D 73 5.78 -3.46 22.81
C TYR D 73 6.88 -3.31 21.76
N HIS D 74 6.90 -4.19 20.77
CA HIS D 74 7.63 -3.97 19.53
C HIS D 74 6.65 -3.77 18.39
N HIS D 75 7.10 -3.09 17.32
CA HIS D 75 6.35 -2.89 16.06
C HIS D 75 5.12 -2.00 16.22
N GLU D 76 4.20 -2.32 17.12
CA GLU D 76 3.00 -1.52 17.26
C GLU D 76 2.48 -1.70 18.67
N ALA D 77 1.62 -0.78 19.08
CA ALA D 77 0.93 -0.88 20.36
C ALA D 77 -0.40 -0.18 20.22
N GLN D 78 -1.41 -0.72 20.91
CA GLN D 78 -2.74 -0.13 20.83
C GLN D 78 -3.37 -0.02 22.20
N VAL D 79 -3.85 1.16 22.57
CA VAL D 79 -4.51 1.36 23.85
C VAL D 79 -5.81 2.13 23.64
N ALA D 80 -6.90 1.57 24.14
CA ALA D 80 -8.26 2.06 23.94
C ALA D 80 -8.78 2.65 25.24
N PHE D 81 -9.08 3.94 25.22
CA PHE D 81 -9.66 4.57 26.38
C PHE D 81 -11.16 4.72 26.17
N PRO D 82 -12.00 4.13 27.01
CA PRO D 82 -13.44 4.38 26.91
C PRO D 82 -13.80 5.72 27.54
N TYR D 83 -14.79 6.39 26.95
CA TYR D 83 -15.25 7.64 27.53
C TYR D 83 -15.92 7.35 28.86
N ALA D 84 -15.47 8.04 29.91
CA ALA D 84 -16.16 7.92 31.19
C ALA D 84 -17.52 8.60 31.06
N LYS D 85 -17.51 9.92 30.89
CA LYS D 85 -18.74 10.68 30.83
C LYS D 85 -19.25 10.74 29.40
N ALA D 86 -20.36 11.43 29.20
CA ALA D 86 -20.72 11.88 27.88
C ALA D 86 -19.75 12.98 27.46
N VAL D 87 -19.48 13.06 26.17
CA VAL D 87 -18.58 14.08 25.64
C VAL D 87 -19.23 14.69 24.42
N GLY D 88 -19.39 16.00 24.44
CA GLY D 88 -19.89 16.73 23.29
C GLY D 88 -19.21 18.07 23.17
N GLU D 89 -18.18 18.27 23.99
CA GLU D 89 -17.40 19.49 24.09
C GLU D 89 -15.96 19.21 23.70
N PRO D 90 -15.24 20.20 23.15
CA PRO D 90 -13.81 20.02 22.92
C PRO D 90 -13.05 19.82 24.21
N TYR D 91 -11.94 19.08 24.11
CA TYR D 91 -11.07 18.82 25.26
C TYR D 91 -9.65 18.66 24.76
N LYS D 92 -8.69 18.75 25.69
CA LYS D 92 -7.31 18.42 25.44
C LYS D 92 -7.00 17.03 25.96
N LEU D 93 -6.29 16.26 25.15
CA LEU D 93 -5.74 14.96 25.58
C LEU D 93 -4.23 15.07 25.63
N VAL D 94 -3.65 14.86 26.83
CA VAL D 94 -2.20 14.74 26.93
C VAL D 94 -1.85 13.27 27.09
N LEU D 95 -1.02 12.79 26.18
CA LEU D 95 -0.62 11.40 26.08
C LEU D 95 0.86 11.31 26.47
N THR D 96 1.16 10.44 27.43
CA THR D 96 2.52 10.29 27.93
C THR D 96 2.99 8.85 27.68
N TYR D 97 4.25 8.70 27.29
CA TYR D 97 4.80 7.37 26.99
C TYR D 97 6.31 7.44 27.04
N GLN D 98 6.95 6.26 27.11
CA GLN D 98 8.40 6.20 27.08
C GLN D 98 8.87 4.94 26.37
N GLY D 99 9.84 5.09 25.45
CA GLY D 99 10.41 3.96 24.74
C GLY D 99 11.92 4.00 24.72
N CYS D 100 12.51 2.88 24.30
CA CYS D 100 13.96 2.70 24.27
C CYS D 100 14.38 2.11 22.94
N ALA D 101 15.68 2.13 22.69
CA ALA D 101 16.25 1.43 21.56
C ALA D 101 16.86 0.12 22.05
N GLU D 102 16.70 -0.94 21.25
CA GLU D 102 17.33 -2.22 21.56
C GLU D 102 18.83 -2.09 21.69
N VAL D 103 19.42 -1.06 21.09
CA VAL D 103 20.85 -0.87 21.17
C VAL D 103 21.27 -0.58 22.60
N GLY D 104 20.33 -0.26 23.47
CA GLY D 104 20.61 -0.10 24.89
C GLY D 104 20.56 1.30 25.47
N VAL D 105 19.70 2.18 24.96
CA VAL D 105 19.45 3.48 25.56
C VAL D 105 17.96 3.76 25.57
N CYS D 106 17.52 4.54 26.56
CA CYS D 106 16.12 4.90 26.63
C CYS D 106 15.97 6.40 26.41
N TYR D 107 14.86 6.75 25.79
CA TYR D 107 14.40 8.13 25.68
C TYR D 107 13.75 8.54 26.98
N PRO D 108 13.75 9.84 27.31
CA PRO D 108 12.99 10.27 28.47
C PRO D 108 11.50 10.17 28.15
N PRO D 109 10.63 10.07 29.15
CA PRO D 109 9.20 10.10 28.86
C PRO D 109 8.87 11.34 28.06
N VAL D 110 7.92 11.19 27.16
CA VAL D 110 7.46 12.28 26.31
C VAL D 110 5.96 12.39 26.49
N ASP D 111 5.47 13.62 26.52
CA ASP D 111 4.04 13.90 26.60
C ASP D 111 3.66 14.69 25.36
N THR D 112 2.63 14.23 24.66
CA THR D 112 2.12 14.89 23.46
C THR D 112 0.69 15.32 23.74
N GLU D 113 0.38 16.56 23.39
CA GLU D 113 -0.95 17.12 23.58
C GLU D 113 -1.72 17.04 22.27
N PHE D 114 -3.01 16.75 22.36
CA PHE D 114 -3.90 16.73 21.20
C PHE D 114 -5.08 17.64 21.47
N ASP D 115 -5.39 18.52 20.51
CA ASP D 115 -6.55 19.39 20.61
C ASP D 115 -7.69 18.70 19.86
N ILE D 116 -8.62 18.13 20.63
CA ILE D 116 -9.67 17.24 20.13
C ILE D 116 -10.99 18.01 20.06
N SER D 117 -11.59 18.09 18.86
CA SER D 117 -12.91 18.67 18.70
C SER D 117 -13.90 17.57 18.40
N GLY D 118 -14.12 17.20 17.15
CA GLY D 118 -15.04 16.14 16.80
C GLY D 118 -14.37 14.79 16.72
N ASN D 119 -15.05 13.86 16.06
CA ASN D 119 -14.49 12.55 15.81
C ASN D 119 -13.60 12.61 14.58
N GLY D 120 -12.55 11.80 14.58
CA GLY D 120 -11.64 11.75 13.46
C GLY D 120 -10.34 11.07 13.86
N THR D 121 -9.43 11.03 12.90
CA THR D 121 -8.10 10.49 13.13
C THR D 121 -7.14 11.65 13.33
N TYR D 122 -6.63 11.82 14.55
CA TYR D 122 -5.70 12.88 14.93
C TYR D 122 -4.26 12.39 14.95
N HIS D 123 -3.37 13.20 14.39
CA HIS D 123 -1.94 12.97 14.51
C HIS D 123 -1.31 14.13 15.27
N PRO D 124 -0.11 13.95 15.85
CA PRO D 124 0.52 15.04 16.61
C PRO D 124 0.67 16.31 15.78
N GLN D 125 0.42 17.44 16.42
CA GLN D 125 0.68 18.76 15.85
C GLN D 125 2.01 19.31 16.35
N THR D 126 2.76 19.94 15.45
CA THR D 126 4.15 20.36 15.73
C THR D 126 4.24 21.82 16.19
N ASP E 5 19.95 -1.78 11.01
CA ASP E 5 21.26 -1.82 11.64
C ASP E 5 21.38 -2.98 12.63
N LEU E 6 22.42 -3.80 12.47
CA LEU E 6 22.58 -5.02 13.25
C LEU E 6 23.08 -4.74 14.64
N LEU E 7 22.55 -5.48 15.60
CA LEU E 7 23.01 -5.43 16.97
C LEU E 7 24.35 -6.16 17.10
N PRO E 8 25.20 -5.73 18.03
CA PRO E 8 26.35 -6.53 18.39
C PRO E 8 25.90 -7.78 19.13
N PRO E 9 26.59 -8.92 18.93
CA PRO E 9 26.17 -10.16 19.61
C PRO E 9 25.98 -9.98 21.11
N GLU E 10 26.85 -9.19 21.76
CA GLU E 10 26.70 -8.97 23.19
C GLU E 10 25.35 -8.35 23.55
N LYS E 11 24.67 -7.67 22.60
CA LYS E 11 23.36 -7.10 22.90
C LYS E 11 22.18 -7.92 22.36
N ALA E 12 22.37 -8.74 21.32
CA ALA E 12 21.26 -9.54 20.81
C ALA E 12 20.98 -10.76 21.69
N PHE E 13 22.00 -11.33 22.34
CA PHE E 13 21.89 -12.55 23.13
C PHE E 13 22.54 -12.27 24.48
N VAL E 14 21.73 -12.13 25.52
CA VAL E 14 22.20 -11.69 26.82
C VAL E 14 21.82 -12.74 27.86
N PRO E 15 22.78 -13.35 28.53
CA PRO E 15 22.44 -14.29 29.61
C PRO E 15 22.42 -13.65 31.00
N GLU E 16 21.41 -14.01 31.79
CA GLU E 16 21.38 -13.77 33.24
C GLU E 16 21.57 -15.11 33.93
N LEU E 17 22.23 -15.11 35.08
CA LEU E 17 22.54 -16.33 35.80
C LEU E 17 21.75 -16.40 37.10
N ALA E 18 21.16 -17.56 37.35
CA ALA E 18 20.46 -17.83 38.60
C ALA E 18 21.25 -18.90 39.32
N VAL E 19 22.09 -18.49 40.26
CA VAL E 19 22.87 -19.45 41.00
C VAL E 19 21.96 -20.07 42.02
N ALA E 20 22.17 -21.35 42.29
CA ALA E 20 21.42 -22.06 43.33
C ALA E 20 22.30 -23.12 43.96
N ASP E 21 21.70 -23.89 44.89
CA ASP E 21 22.29 -25.11 45.42
C ASP E 21 22.00 -26.33 44.54
N ASP E 22 20.87 -26.30 43.83
CA ASP E 22 20.51 -27.36 42.89
C ASP E 22 21.43 -27.33 41.68
N GLY E 23 21.71 -26.13 41.18
CA GLY E 23 22.44 -25.96 39.94
C GLY E 23 22.45 -24.48 39.59
N VAL E 24 22.86 -24.22 38.35
CA VAL E 24 22.81 -22.87 37.78
C VAL E 24 21.94 -22.94 36.54
N ASN E 25 21.04 -21.96 36.39
CA ASN E 25 20.13 -21.90 35.25
C ASN E 25 20.33 -20.58 34.51
N VAL E 26 20.74 -20.72 33.25
CA VAL E 26 21.02 -19.59 32.38
C VAL E 26 19.71 -19.16 31.74
N ARG E 27 19.37 -17.88 31.85
CA ARG E 27 18.29 -17.27 31.07
C ARG E 27 18.86 -16.38 29.97
N PHE E 28 18.47 -16.65 28.73
CA PHE E 28 18.95 -15.87 27.59
C PHE E 28 17.86 -14.90 27.17
N ARG E 29 18.16 -13.61 27.23
CA ARG E 29 17.31 -12.62 26.61
C ARG E 29 17.71 -12.45 25.14
N ILE E 30 16.78 -12.70 24.24
CA ILE E 30 17.04 -12.67 22.80
C ILE E 30 16.33 -11.45 22.21
N ALA E 31 17.09 -10.63 21.48
CA ALA E 31 16.52 -9.41 20.94
C ALA E 31 15.46 -9.70 19.89
N ASP E 32 14.56 -8.73 19.70
CA ASP E 32 13.55 -8.82 18.67
C ASP E 32 14.19 -8.81 17.28
N GLY E 33 13.85 -9.82 16.47
CA GLY E 33 14.47 -10.01 15.18
C GLY E 33 15.68 -10.95 15.18
N TYR E 34 15.93 -11.68 16.27
CA TYR E 34 17.10 -12.55 16.38
C TYR E 34 16.71 -13.93 16.89
N TYR E 35 17.63 -14.87 16.79
CA TYR E 35 17.34 -16.21 17.28
C TYR E 35 18.66 -16.93 17.62
N MET E 36 18.60 -17.79 18.62
CA MET E 36 19.77 -18.56 19.06
C MET E 36 19.62 -20.01 18.65
N TYR E 37 20.75 -20.66 18.41
CA TYR E 37 20.76 -22.09 18.11
C TYR E 37 20.77 -22.84 19.43
N GLN E 38 19.75 -23.68 19.65
CA GLN E 38 19.73 -24.49 20.87
C GLN E 38 20.95 -25.41 20.95
N ALA E 39 21.26 -26.10 19.86
CA ALA E 39 22.28 -27.15 19.89
C ALA E 39 23.70 -26.62 20.11
N LYS E 40 23.91 -25.31 20.02
CA LYS E 40 25.24 -24.73 20.20
C LYS E 40 25.41 -24.04 21.55
N ILE E 41 24.47 -24.25 22.48
CA ILE E 41 24.58 -23.70 23.82
C ILE E 41 25.29 -24.72 24.70
N VAL E 42 26.46 -24.35 25.21
CA VAL E 42 27.30 -25.26 25.97
C VAL E 42 28.00 -24.50 27.09
N GLY E 43 28.06 -25.11 28.28
CA GLY E 43 28.71 -24.51 29.44
C GLY E 43 29.91 -25.34 29.86
N LYS E 44 30.93 -24.67 30.38
CA LYS E 44 32.11 -25.32 30.93
C LYS E 44 32.66 -24.48 32.08
N THR E 45 33.41 -25.14 32.97
CA THR E 45 33.83 -24.54 34.24
C THR E 45 35.33 -24.71 34.39
N ASP E 46 35.97 -23.76 35.14
CA ASP E 46 37.39 -23.93 35.50
C ASP E 46 37.60 -24.07 37.00
N PRO E 47 36.70 -24.69 37.67
CA PRO E 47 37.02 -25.99 38.24
C PRO E 47 36.28 -26.95 37.34
N ALA E 48 37.01 -27.74 36.56
CA ALA E 48 36.40 -28.40 35.42
C ALA E 48 35.47 -29.53 35.85
N ASP E 49 34.42 -29.74 35.04
CA ASP E 49 33.54 -30.90 35.14
C ASP E 49 32.75 -30.96 36.45
N LEU E 50 32.10 -29.84 36.78
CA LEU E 50 31.19 -29.79 37.93
C LEU E 50 29.74 -29.76 37.52
N LEU E 51 29.45 -29.75 36.22
CA LEU E 51 28.08 -29.63 35.74
C LEU E 51 27.80 -30.83 34.85
N GLY E 52 26.71 -31.52 35.13
CA GLY E 52 26.26 -32.56 34.24
C GLY E 52 25.78 -31.95 32.95
N GLN E 53 25.16 -32.78 32.13
CA GLN E 53 24.75 -32.25 30.84
C GLN E 53 23.46 -31.43 31.01
N PRO E 54 23.33 -30.32 30.28
CA PRO E 54 22.29 -29.33 30.58
C PRO E 54 20.89 -29.77 30.16
N SER E 55 19.91 -29.02 30.67
CA SER E 55 18.50 -29.17 30.33
C SER E 55 18.04 -27.91 29.59
N PHE E 56 17.24 -28.09 28.54
CA PHE E 56 16.86 -27.00 27.64
C PHE E 56 15.38 -26.67 27.77
N SER E 57 15.05 -25.39 27.73
CA SER E 57 13.66 -25.04 27.56
C SER E 57 13.21 -25.37 26.14
N LYS E 58 11.89 -25.52 25.97
CA LYS E 58 11.36 -25.92 24.68
C LYS E 58 11.53 -24.80 23.67
N GLY E 59 12.05 -25.15 22.50
CA GLY E 59 12.29 -24.18 21.46
C GLY E 59 11.43 -24.41 20.24
N GLU E 60 11.83 -23.86 19.10
CA GLU E 60 11.09 -24.04 17.87
C GLU E 60 11.99 -24.63 16.81
N GLU E 61 11.39 -24.98 15.70
CA GLU E 61 12.03 -25.76 14.66
C GLU E 61 12.27 -24.85 13.46
N LYS E 62 13.41 -24.99 12.79
CA LYS E 62 13.70 -24.08 11.67
C LYS E 62 14.46 -24.78 10.56
N GLU E 63 13.92 -24.68 9.33
CA GLU E 63 14.55 -25.26 8.15
C GLU E 63 15.76 -24.42 7.72
N ASP E 64 16.80 -25.10 7.24
CA ASP E 64 17.89 -24.40 6.55
C ASP E 64 18.33 -25.18 5.32
N GLU E 65 18.41 -24.47 4.19
CA GLU E 65 18.69 -25.09 2.89
C GLU E 65 20.06 -25.79 2.84
N PHE E 66 21.03 -25.35 3.66
CA PHE E 66 22.39 -25.84 3.55
C PHE E 66 22.90 -26.60 4.76
N PHE E 67 22.35 -26.38 5.95
CA PHE E 67 22.83 -27.01 7.17
C PHE E 67 21.80 -27.93 7.81
N GLY E 68 20.56 -27.91 7.32
CA GLY E 68 19.50 -28.78 7.80
C GLY E 68 18.62 -28.13 8.84
N ARG E 69 17.64 -28.90 9.29
CA ARG E 69 16.67 -28.42 10.27
C ARG E 69 17.30 -28.34 11.66
N GLN E 70 16.97 -27.29 12.40
CA GLN E 70 17.60 -27.08 13.69
C GLN E 70 16.58 -26.47 14.63
N THR E 71 16.84 -26.65 15.92
CA THR E 71 15.99 -26.09 16.96
C THR E 71 16.57 -24.77 17.43
N VAL E 72 15.73 -23.73 17.47
CA VAL E 72 16.14 -22.37 17.76
C VAL E 72 15.24 -21.77 18.85
N TYR E 73 15.68 -20.63 19.36
CA TYR E 73 14.98 -19.88 20.39
C TYR E 73 14.77 -18.47 19.89
N HIS E 74 13.61 -17.89 20.20
CA HIS E 74 13.24 -16.60 19.63
C HIS E 74 13.08 -15.46 20.62
N HIS E 75 12.65 -15.72 21.85
CA HIS E 75 12.45 -14.57 22.73
C HIS E 75 13.24 -14.70 24.01
N GLU E 76 13.21 -15.87 24.62
CA GLU E 76 13.94 -16.21 25.81
C GLU E 76 14.48 -17.61 25.61
N ALA E 77 15.42 -17.97 26.47
CA ALA E 77 15.93 -19.33 26.52
C ALA E 77 16.37 -19.55 27.96
N GLN E 78 16.03 -20.72 28.49
CA GLN E 78 16.41 -21.16 29.82
C GLN E 78 17.12 -22.50 29.68
N VAL E 79 18.39 -22.56 30.07
CA VAL E 79 19.17 -23.80 30.01
C VAL E 79 19.69 -24.12 31.40
N ALA E 80 19.41 -25.34 31.87
CA ALA E 80 19.61 -25.76 33.27
C ALA E 80 20.81 -26.69 33.38
N PHE E 81 21.85 -26.24 34.09
CA PHE E 81 23.02 -27.07 34.32
C PHE E 81 22.98 -27.60 35.74
N PRO E 82 22.86 -28.91 35.96
CA PRO E 82 22.90 -29.42 37.32
C PRO E 82 24.33 -29.59 37.80
N TYR E 83 24.55 -29.34 39.08
CA TYR E 83 25.83 -29.68 39.69
C TYR E 83 26.07 -31.18 39.59
N ALA E 84 27.31 -31.56 39.24
CA ALA E 84 27.70 -32.96 39.31
C ALA E 84 28.29 -33.33 40.67
N LYS E 85 28.75 -32.34 41.43
CA LYS E 85 29.35 -32.56 42.74
C LYS E 85 28.69 -31.62 43.74
N ALA E 86 29.39 -31.34 44.85
CA ALA E 86 28.87 -30.50 45.92
C ALA E 86 29.96 -29.51 46.34
N VAL E 87 30.38 -28.67 45.41
CA VAL E 87 31.47 -27.74 45.63
C VAL E 87 30.92 -26.39 46.05
N GLY E 88 31.55 -25.78 47.05
CA GLY E 88 31.12 -24.52 47.59
C GLY E 88 32.14 -23.41 47.40
N GLU E 89 33.22 -23.73 46.71
CA GLU E 89 34.28 -22.77 46.46
C GLU E 89 33.95 -21.89 45.26
N PRO E 90 34.62 -20.75 45.11
CA PRO E 90 34.35 -19.88 43.97
C PRO E 90 34.84 -20.51 42.67
N TYR E 91 34.20 -20.12 41.57
CA TYR E 91 34.49 -20.77 40.32
C TYR E 91 34.21 -19.85 39.15
N LYS E 92 34.83 -20.17 38.02
CA LYS E 92 34.67 -19.43 36.77
C LYS E 92 33.94 -20.35 35.80
N LEU E 93 32.79 -19.89 35.29
CA LEU E 93 32.00 -20.62 34.31
C LEU E 93 31.88 -19.77 33.04
N VAL E 94 32.22 -20.37 31.90
CA VAL E 94 32.07 -19.69 30.60
C VAL E 94 30.98 -20.38 29.80
N LEU E 95 30.11 -19.58 29.19
CA LEU E 95 29.01 -20.04 28.35
C LEU E 95 29.33 -19.77 26.89
N THR E 96 28.89 -20.68 26.03
CA THR E 96 29.12 -20.55 24.60
C THR E 96 27.79 -20.67 23.87
N TYR E 97 27.54 -19.76 22.94
CA TYR E 97 26.26 -19.70 22.24
C TYR E 97 26.42 -18.95 20.93
N GLN E 98 25.47 -19.16 20.04
CA GLN E 98 25.54 -18.64 18.69
C GLN E 98 24.13 -18.30 18.24
N GLY E 99 23.99 -17.13 17.63
CA GLY E 99 22.71 -16.70 17.13
C GLY E 99 22.85 -16.04 15.77
N CYS E 100 21.71 -15.84 15.15
CA CYS E 100 21.60 -15.15 13.88
C CYS E 100 20.54 -14.05 13.99
N ALA E 101 20.55 -13.20 12.98
CA ALA E 101 19.49 -12.25 12.76
C ALA E 101 18.54 -12.79 11.71
N GLU E 102 17.24 -12.48 11.86
CA GLU E 102 16.21 -13.00 10.96
C GLU E 102 16.43 -12.56 9.52
N VAL E 103 17.07 -11.39 9.32
CA VAL E 103 17.38 -10.87 7.99
C VAL E 103 18.37 -11.73 7.23
N GLY E 104 19.02 -12.67 7.92
CA GLY E 104 19.83 -13.65 7.27
C GLY E 104 21.35 -13.60 7.48
N VAL E 105 21.85 -13.12 8.61
CA VAL E 105 23.27 -13.24 8.90
C VAL E 105 23.41 -13.83 10.28
N CYS E 106 24.50 -14.57 10.47
CA CYS E 106 24.78 -15.26 11.71
C CYS E 106 26.02 -14.68 12.34
N TYR E 107 26.02 -14.58 13.66
CA TYR E 107 27.20 -14.23 14.41
C TYR E 107 28.02 -15.48 14.70
N PRO E 108 29.30 -15.32 14.97
CA PRO E 108 30.12 -16.46 15.34
C PRO E 108 29.78 -16.89 16.76
N PRO E 109 30.24 -18.06 17.21
CA PRO E 109 30.06 -18.41 18.61
C PRO E 109 30.70 -17.37 19.50
N VAL E 110 30.11 -17.14 20.65
CA VAL E 110 30.53 -16.10 21.58
C VAL E 110 30.74 -16.74 22.95
N ASP E 111 31.73 -16.25 23.70
CA ASP E 111 32.01 -16.72 25.06
C ASP E 111 31.70 -15.61 26.06
N THR E 112 31.14 -15.98 27.21
CA THR E 112 30.81 -15.04 28.27
C THR E 112 31.23 -15.65 29.59
N GLU E 113 32.13 -14.98 30.30
CA GLU E 113 32.77 -15.50 31.50
C GLU E 113 32.00 -15.05 32.73
N PHE E 114 31.87 -15.94 33.71
CA PHE E 114 31.18 -15.60 34.97
C PHE E 114 32.06 -15.96 36.16
N ASP E 115 32.41 -14.94 36.95
CA ASP E 115 33.10 -15.12 38.24
C ASP E 115 32.04 -15.31 39.32
N ILE E 116 31.88 -16.54 39.80
CA ILE E 116 30.83 -16.86 40.75
C ILE E 116 31.43 -16.94 42.15
N SER E 117 30.79 -16.26 43.10
CA SER E 117 31.16 -16.35 44.51
C SER E 117 30.24 -17.34 45.22
N GLY E 118 29.19 -16.83 45.83
CA GLY E 118 28.25 -17.66 46.56
C GLY E 118 27.00 -17.92 45.73
N ASN E 119 25.84 -17.38 46.13
CA ASN E 119 24.68 -17.67 45.33
C ASN E 119 24.10 -16.40 44.69
N GLY E 120 22.79 -16.38 44.41
CA GLY E 120 22.17 -15.20 43.82
C GLY E 120 22.09 -15.14 42.29
N THR E 121 22.05 -13.91 41.75
CA THR E 121 21.85 -13.66 40.33
C THR E 121 22.97 -12.79 39.78
N TYR E 122 23.58 -13.23 38.68
CA TYR E 122 24.70 -12.52 38.09
C TYR E 122 24.33 -12.04 36.70
N HIS E 123 25.11 -11.10 36.20
CA HIS E 123 24.94 -10.49 34.90
C HIS E 123 26.32 -10.38 34.27
N PRO E 124 26.40 -10.21 32.94
CA PRO E 124 27.72 -10.21 32.28
C PRO E 124 28.50 -8.93 32.55
N GLN E 125 29.78 -8.99 32.19
CA GLN E 125 30.71 -7.87 32.27
C GLN E 125 30.12 -6.60 31.62
N ASP F 5 3.79 17.86 -14.02
CA ASP F 5 4.34 18.65 -15.12
C ASP F 5 3.25 19.35 -15.91
N LEU F 6 3.11 20.67 -15.70
CA LEU F 6 2.00 21.37 -16.31
C LEU F 6 2.21 21.66 -17.79
N LEU F 7 1.18 21.46 -18.53
CA LEU F 7 1.19 21.58 -19.95
C LEU F 7 0.93 23.03 -20.37
N PRO F 8 1.64 23.52 -21.37
CA PRO F 8 1.26 24.80 -21.96
C PRO F 8 -0.14 24.73 -22.53
N PRO F 9 -0.92 25.81 -22.43
CA PRO F 9 -2.35 25.72 -22.78
C PRO F 9 -2.61 25.32 -24.21
N GLU F 10 -1.70 25.63 -25.14
CA GLU F 10 -1.87 25.22 -26.53
C GLU F 10 -1.58 23.74 -26.76
N LYS F 11 -1.11 23.03 -25.74
CA LYS F 11 -1.07 21.58 -25.80
C LYS F 11 -2.11 20.90 -24.92
N ALA F 12 -2.63 21.60 -23.90
CA ALA F 12 -3.72 21.05 -23.08
C ALA F 12 -5.09 21.14 -23.76
N PHE F 13 -5.30 22.17 -24.58
CA PHE F 13 -6.57 22.41 -25.26
C PHE F 13 -6.25 22.74 -26.71
N VAL F 14 -6.44 21.77 -27.59
CA VAL F 14 -5.99 21.87 -28.97
C VAL F 14 -7.19 21.92 -29.91
N PRO F 15 -7.49 23.07 -30.51
CA PRO F 15 -8.66 23.15 -31.40
C PRO F 15 -8.32 22.69 -32.81
N GLU F 16 -9.27 22.00 -33.43
CA GLU F 16 -9.15 21.58 -34.82
C GLU F 16 -10.44 21.96 -35.55
N LEU F 17 -10.30 22.57 -36.72
CA LEU F 17 -11.44 23.05 -37.50
C LEU F 17 -11.76 22.12 -38.66
N ALA F 18 -13.06 21.92 -38.89
CA ALA F 18 -13.58 21.25 -40.08
C ALA F 18 -14.59 22.20 -40.71
N VAL F 19 -14.17 22.93 -41.75
CA VAL F 19 -15.01 23.93 -42.40
C VAL F 19 -15.70 23.30 -43.60
N ALA F 20 -17.02 23.48 -43.68
CA ALA F 20 -17.80 22.90 -44.76
C ALA F 20 -18.76 23.96 -45.28
N ASP F 21 -19.80 23.53 -45.99
CA ASP F 21 -20.80 24.47 -46.47
C ASP F 21 -21.80 24.85 -45.38
N ASP F 22 -22.09 23.92 -44.45
CA ASP F 22 -23.05 24.22 -43.39
C ASP F 22 -22.44 25.09 -42.30
N GLY F 23 -21.18 24.85 -41.96
CA GLY F 23 -20.53 25.70 -40.97
C GLY F 23 -19.14 25.22 -40.65
N VAL F 24 -18.65 25.64 -39.48
CA VAL F 24 -17.34 25.27 -38.96
C VAL F 24 -17.53 24.42 -37.71
N ASN F 25 -16.96 23.22 -37.74
CA ASN F 25 -16.94 22.36 -36.56
C ASN F 25 -15.58 22.45 -35.89
N VAL F 26 -15.57 22.70 -34.58
CA VAL F 26 -14.38 22.71 -33.74
C VAL F 26 -14.40 21.48 -32.85
N ARG F 27 -13.40 20.62 -32.98
CA ARG F 27 -13.22 19.53 -32.01
C ARG F 27 -11.95 19.84 -31.22
N PHE F 28 -12.13 20.05 -29.92
CA PHE F 28 -11.03 20.30 -29.01
C PHE F 28 -10.53 18.97 -28.48
N ARG F 29 -9.24 18.71 -28.67
CA ARG F 29 -8.60 17.62 -27.95
C ARG F 29 -8.13 18.19 -26.60
N ILE F 30 -8.59 17.58 -25.52
CA ILE F 30 -8.33 18.05 -24.16
C ILE F 30 -7.44 17.01 -23.46
N ALA F 31 -6.28 17.45 -23.00
CA ALA F 31 -5.34 16.51 -22.37
C ALA F 31 -5.90 15.90 -21.09
N ASP F 32 -5.43 14.69 -20.80
CA ASP F 32 -5.71 14.01 -19.54
C ASP F 32 -5.26 14.83 -18.32
N GLY F 33 -6.20 15.05 -17.40
CA GLY F 33 -5.95 15.87 -16.24
C GLY F 33 -6.35 17.31 -16.37
N TYR F 34 -7.03 17.68 -17.46
CA TYR F 34 -7.39 19.05 -17.76
C TYR F 34 -8.86 19.09 -18.11
N TYR F 35 -9.46 20.28 -18.03
CA TYR F 35 -10.86 20.41 -18.43
C TYR F 35 -11.11 21.82 -18.96
N MET F 36 -12.11 21.92 -19.85
CA MET F 36 -12.49 23.18 -20.48
C MET F 36 -13.84 23.65 -19.97
N TYR F 37 -13.96 24.95 -19.73
CA TYR F 37 -15.27 25.55 -19.52
C TYR F 37 -16.03 25.68 -20.83
N GLN F 38 -17.21 25.08 -20.89
CA GLN F 38 -18.08 25.25 -22.06
C GLN F 38 -18.58 26.68 -22.16
N ALA F 39 -18.73 27.36 -21.01
CA ALA F 39 -19.26 28.72 -21.00
C ALA F 39 -18.33 29.70 -21.71
N LYS F 40 -17.03 29.42 -21.72
CA LYS F 40 -16.03 30.37 -22.19
C LYS F 40 -15.51 30.07 -23.59
N ILE F 41 -16.11 29.12 -24.32
CA ILE F 41 -15.75 28.92 -25.72
C ILE F 41 -16.57 29.88 -26.58
N VAL F 42 -15.87 30.73 -27.33
CA VAL F 42 -16.46 31.87 -28.03
C VAL F 42 -15.85 31.95 -29.43
N GLY F 43 -16.69 32.25 -30.41
CA GLY F 43 -16.28 32.31 -31.80
C GLY F 43 -16.46 33.71 -32.36
N LYS F 44 -15.41 34.22 -32.98
CA LYS F 44 -15.40 35.54 -33.59
C LYS F 44 -14.75 35.48 -34.97
N THR F 45 -15.33 36.22 -35.91
CA THR F 45 -14.82 36.33 -37.27
C THR F 45 -14.41 37.79 -37.54
N ASP F 46 -13.33 37.97 -38.31
CA ASP F 46 -12.94 39.32 -38.70
C ASP F 46 -14.03 40.00 -39.51
N PRO F 47 -14.49 39.46 -40.66
CA PRO F 47 -15.81 39.89 -41.10
C PRO F 47 -16.76 39.49 -39.99
N ALA F 48 -17.53 40.43 -39.41
CA ALA F 48 -18.21 40.15 -38.16
C ALA F 48 -19.50 39.38 -38.38
N ASP F 49 -19.88 38.58 -37.39
CA ASP F 49 -21.22 37.99 -37.31
C ASP F 49 -21.56 37.17 -38.57
N LEU F 50 -20.55 36.49 -39.14
CA LEU F 50 -20.75 35.46 -40.18
C LEU F 50 -21.17 34.12 -39.62
N LEU F 51 -21.46 34.05 -38.33
CA LEU F 51 -21.64 32.78 -37.62
C LEU F 51 -22.97 32.77 -36.92
N GLY F 52 -23.54 31.59 -36.78
CA GLY F 52 -24.74 31.42 -36.00
C GLY F 52 -24.40 31.27 -34.54
N GLN F 53 -25.32 30.64 -33.82
CA GLN F 53 -25.01 30.34 -32.43
C GLN F 53 -24.51 28.91 -32.32
N PRO F 54 -23.58 28.64 -31.41
CA PRO F 54 -22.86 27.36 -31.42
C PRO F 54 -23.71 26.20 -30.93
N SER F 55 -23.44 25.02 -31.50
CA SER F 55 -24.06 23.76 -31.12
C SER F 55 -23.03 22.93 -30.36
N PHE F 56 -23.34 22.58 -29.10
CA PHE F 56 -22.38 22.00 -28.17
C PHE F 56 -22.65 20.52 -27.94
N SER F 57 -21.59 19.71 -27.99
CA SER F 57 -21.69 18.33 -27.54
C SER F 57 -22.05 18.29 -26.06
N LYS F 58 -22.44 17.10 -25.60
CA LYS F 58 -23.07 16.86 -24.31
C LYS F 58 -22.46 17.71 -23.19
N GLY F 59 -21.24 17.34 -22.77
CA GLY F 59 -20.60 17.98 -21.65
C GLY F 59 -20.96 17.34 -20.31
N GLU F 60 -20.28 17.82 -19.26
CA GLU F 60 -20.40 17.33 -17.89
C GLU F 60 -20.53 18.48 -16.91
N GLU F 61 -21.14 18.18 -15.76
CA GLU F 61 -21.45 19.18 -14.74
C GLU F 61 -20.44 19.12 -13.61
N LYS F 62 -19.95 20.29 -13.21
CA LYS F 62 -18.93 20.32 -12.17
C LYS F 62 -19.06 21.61 -11.36
N GLU F 63 -18.88 21.48 -10.06
CA GLU F 63 -18.71 22.61 -9.15
C GLU F 63 -17.25 22.63 -8.71
N ASP F 64 -16.55 23.71 -9.02
CA ASP F 64 -15.17 23.88 -8.60
C ASP F 64 -14.99 25.19 -7.84
N GLU F 65 -13.80 25.34 -7.27
CA GLU F 65 -13.50 26.47 -6.39
C GLU F 65 -13.40 27.79 -7.14
N PHE F 66 -13.22 27.76 -8.47
CA PHE F 66 -13.03 28.99 -9.24
C PHE F 66 -14.36 29.62 -9.68
N PHE F 67 -15.09 28.95 -10.57
CA PHE F 67 -16.21 29.52 -11.33
C PHE F 67 -17.57 28.92 -10.95
N GLY F 68 -17.78 28.57 -9.69
CA GLY F 68 -19.10 28.04 -9.33
C GLY F 68 -19.44 26.75 -10.05
N ARG F 69 -20.73 26.56 -10.34
CA ARG F 69 -21.20 25.40 -11.09
C ARG F 69 -21.13 25.67 -12.58
N GLN F 70 -20.45 24.80 -13.31
CA GLN F 70 -20.22 25.00 -14.73
C GLN F 70 -20.36 23.69 -15.50
N THR F 71 -20.78 23.80 -16.75
CA THR F 71 -20.62 22.71 -17.69
C THR F 71 -19.19 22.71 -18.20
N VAL F 72 -18.53 21.55 -18.15
CA VAL F 72 -17.14 21.45 -18.55
C VAL F 72 -16.98 20.24 -19.45
N TYR F 73 -15.81 20.15 -20.07
CA TYR F 73 -15.49 19.05 -20.96
C TYR F 73 -14.24 18.36 -20.45
N HIS F 74 -14.18 17.05 -20.70
CA HIS F 74 -12.99 16.26 -20.45
C HIS F 74 -12.69 15.49 -21.73
N HIS F 75 -11.41 15.46 -22.11
CA HIS F 75 -10.91 14.68 -23.25
C HIS F 75 -11.28 15.27 -24.60
N GLU F 76 -12.55 15.59 -24.81
CA GLU F 76 -12.99 16.04 -26.12
C GLU F 76 -14.18 16.96 -25.93
N ALA F 77 -14.22 18.01 -26.75
CA ALA F 77 -15.38 18.87 -26.87
C ALA F 77 -15.68 19.05 -28.35
N GLN F 78 -16.96 19.09 -28.68
CA GLN F 78 -17.43 19.32 -30.03
C GLN F 78 -18.32 20.54 -30.02
N VAL F 79 -18.03 21.51 -30.87
CA VAL F 79 -18.88 22.67 -31.02
C VAL F 79 -19.07 22.98 -32.51
N ALA F 80 -20.33 23.06 -32.92
CA ALA F 80 -20.68 23.32 -34.32
C ALA F 80 -21.08 24.78 -34.45
N PHE F 81 -20.40 25.50 -35.34
CA PHE F 81 -20.79 26.86 -35.64
C PHE F 81 -21.49 26.89 -36.99
N PRO F 82 -22.75 27.32 -37.05
CA PRO F 82 -23.45 27.38 -38.35
C PRO F 82 -23.20 28.69 -39.08
N TYR F 83 -23.29 28.62 -40.41
CA TYR F 83 -23.13 29.80 -41.25
C TYR F 83 -24.37 30.68 -41.15
N ALA F 84 -24.22 31.85 -40.52
CA ALA F 84 -25.36 32.74 -40.32
C ALA F 84 -25.77 33.46 -41.60
N LYS F 85 -24.96 33.40 -42.65
CA LYS F 85 -25.25 34.11 -43.88
C LYS F 85 -24.92 33.21 -45.07
N ALA F 86 -24.25 33.82 -46.05
CA ALA F 86 -23.57 33.10 -47.12
C ALA F 86 -22.13 33.59 -47.14
N VAL F 87 -21.22 32.70 -47.52
CA VAL F 87 -19.79 33.02 -47.53
C VAL F 87 -19.16 32.34 -48.74
N GLY F 88 -18.60 33.14 -49.64
CA GLY F 88 -17.80 32.64 -50.73
C GLY F 88 -16.41 33.23 -50.67
N GLU F 89 -16.16 33.98 -49.60
CA GLU F 89 -14.91 34.69 -49.37
C GLU F 89 -13.87 33.79 -48.72
N PRO F 90 -12.72 34.32 -48.39
CA PRO F 90 -11.97 33.79 -47.27
C PRO F 90 -12.11 34.73 -46.08
N TYR F 91 -11.99 34.21 -44.86
CA TYR F 91 -12.18 35.05 -43.68
C TYR F 91 -11.23 34.60 -42.59
N LYS F 92 -11.29 35.31 -41.48
CA LYS F 92 -10.42 35.07 -40.34
C LYS F 92 -11.28 34.70 -39.14
N LEU F 93 -10.87 33.66 -38.42
CA LEU F 93 -11.64 33.16 -37.28
C LEU F 93 -10.75 33.18 -36.05
N VAL F 94 -11.21 33.76 -34.95
CA VAL F 94 -10.47 33.62 -33.69
C VAL F 94 -11.34 32.93 -32.66
N LEU F 95 -10.83 31.85 -32.10
CA LEU F 95 -11.49 31.16 -31.02
C LEU F 95 -10.88 31.55 -29.68
N THR F 96 -11.75 31.79 -28.70
CA THR F 96 -11.35 32.08 -27.34
C THR F 96 -11.87 30.98 -26.44
N TYR F 97 -10.99 30.46 -25.57
CA TYR F 97 -11.40 29.38 -24.69
C TYR F 97 -10.53 29.41 -23.45
N GLN F 98 -11.06 28.87 -22.37
CA GLN F 98 -10.36 28.85 -21.10
C GLN F 98 -10.54 27.46 -20.49
N GLY F 99 -9.48 26.96 -19.86
CA GLY F 99 -9.56 25.70 -19.16
C GLY F 99 -8.63 25.69 -17.97
N CYS F 100 -8.64 24.57 -17.26
CA CYS F 100 -7.96 24.43 -15.99
C CYS F 100 -7.32 23.04 -15.92
N ALA F 101 -6.45 22.87 -14.94
CA ALA F 101 -5.86 21.58 -14.65
C ALA F 101 -6.47 21.04 -13.37
N GLU F 102 -6.83 19.74 -13.37
CA GLU F 102 -7.45 19.11 -12.19
C GLU F 102 -6.68 19.37 -10.91
N VAL F 103 -5.35 19.45 -11.01
CA VAL F 103 -4.50 19.62 -9.85
C VAL F 103 -4.78 20.94 -9.12
N GLY F 104 -5.52 21.87 -9.75
CA GLY F 104 -6.02 23.07 -9.11
C GLY F 104 -5.55 24.43 -9.61
N VAL F 105 -5.23 24.55 -10.90
CA VAL F 105 -4.82 25.82 -11.47
C VAL F 105 -5.60 26.03 -12.76
N CYS F 106 -5.80 27.29 -13.11
CA CYS F 106 -6.52 27.65 -14.31
C CYS F 106 -5.66 28.51 -15.23
N TYR F 107 -5.82 28.30 -16.50
CA TYR F 107 -5.19 29.18 -17.45
C TYR F 107 -6.10 30.38 -17.70
N PRO F 108 -5.55 31.47 -18.24
CA PRO F 108 -6.38 32.58 -18.66
C PRO F 108 -6.99 32.28 -20.00
N PRO F 109 -7.97 33.07 -20.44
CA PRO F 109 -8.53 32.85 -21.78
C PRO F 109 -7.43 32.94 -22.82
N VAL F 110 -7.55 32.12 -23.85
CA VAL F 110 -6.55 32.00 -24.89
C VAL F 110 -7.25 32.27 -26.23
N ASP F 111 -6.54 32.97 -27.12
CA ASP F 111 -7.06 33.30 -28.44
C ASP F 111 -6.20 32.56 -29.46
N THR F 112 -6.86 31.75 -30.29
CA THR F 112 -6.20 31.02 -31.37
C THR F 112 -6.85 31.44 -32.67
N GLU F 113 -6.03 31.96 -33.59
CA GLU F 113 -6.50 32.56 -34.82
C GLU F 113 -6.34 31.57 -35.97
N PHE F 114 -7.36 31.52 -36.84
CA PHE F 114 -7.34 30.71 -38.06
C PHE F 114 -7.67 31.60 -39.25
N ASP F 115 -6.88 31.52 -40.31
CA ASP F 115 -7.20 32.20 -41.58
C ASP F 115 -7.70 31.13 -42.56
N ILE F 116 -9.00 31.10 -42.73
CA ILE F 116 -9.71 30.06 -43.50
C ILE F 116 -9.86 30.55 -44.93
N SER F 117 -9.70 29.62 -45.90
CA SER F 117 -9.82 29.95 -47.32
C SER F 117 -10.46 28.74 -47.99
N GLY F 118 -11.78 28.65 -47.90
CA GLY F 118 -12.50 27.56 -48.50
C GLY F 118 -12.87 26.48 -47.49
N ASN F 119 -12.96 25.24 -47.95
CA ASN F 119 -13.31 24.12 -47.10
C ASN F 119 -12.09 23.23 -46.87
N GLY F 120 -12.17 22.41 -45.82
CA GLY F 120 -11.11 21.49 -45.49
C GLY F 120 -10.83 21.44 -44.01
N THR F 121 -9.73 20.77 -43.64
CA THR F 121 -9.29 20.61 -42.27
C THR F 121 -8.32 21.73 -41.91
N TYR F 122 -8.37 22.18 -40.65
CA TYR F 122 -7.49 23.23 -40.15
C TYR F 122 -6.90 22.86 -38.80
N HIS F 123 -5.62 22.65 -38.77
CA HIS F 123 -4.80 22.56 -37.58
C HIS F 123 -4.09 23.90 -37.34
N PRO F 124 -3.90 24.32 -36.08
CA PRO F 124 -3.23 25.61 -35.82
C PRO F 124 -1.72 25.55 -36.06
ZN ZN G . -5.57 3.63 -12.60
ZN ZN H . -12.63 27.02 2.50
ZN ZN I . -3.72 16.28 9.45
ZN ZN J . 11.39 -11.19 -10.26
ZN ZN K . 10.89 -6.67 15.07
ZN ZN L . 3.12 -4.67 12.72
ZN ZN M . 18.43 -22.86 -3.41
ZN ZN N . -12.22 0.18 11.59
ZN ZN O . -10.85 1.83 12.93
ZN ZN P . 13.87 -24.00 -7.68
ZN ZN Q . 16.28 -29.39 -5.94
ZN ZN R . -4.61 11.97 -23.55
ZN ZN S . -6.63 10.55 -16.44
ZN ZN T . 16.22 -13.87 -23.15
ZN ZN U . -2.33 -25.26 -12.86
ZN ZN V . -7.65 11.78 -22.69
ZN ZN W . 8.13 24.86 -22.01
ZN ZN X . 13.10 -5.98 22.44
ZN ZN Y . -21.41 10.60 15.80
ZN ZN Z . 17.95 -10.24 35.54
ZN ZN AA . 9.51 -8.45 16.12
ZN ZN BA . -2.42 23.40 21.61
ZN ZN CA . 26.02 4.05 10.72
ZN ZN DA . -8.36 8.82 33.90
ZN ZN EA . 13.18 -17.14 13.44
ZN ZN FA . 11.01 -10.42 21.21
ZN ZN GA . -12.66 17.55 -14.03
ZN ZN HA . -9.59 9.82 -18.74
ZN ZN IA . -13.69 11.65 -18.74
ZN ZN JA . -5.27 16.69 -36.66
ZN ZN KA . -0.83 35.28 -38.39
ZN ZN LA . 2.26 31.69 -32.75
#